data_6W64
#
_entry.id   6W64
#
loop_
_entity.id
_entity.type
_entity.pdbx_description
1 polymer Cas12i
2 polymer crRNA
3 polymer 'DNA (25-MER)'
#
loop_
_entity_poly.entity_id
_entity_poly.type
_entity_poly.pdbx_seq_one_letter_code
_entity_poly.pdbx_strand_id
1 'polypeptide(L)'
;MSNKEKNASETRKAYTTKMIPRSHDRMKLLGNFMDYLMDGTPIFFELWNQFGGGIDRDIISGTANKDKISDDLLLAVNWF
KVMPINSKPQGVSPSNLANLFQQYSGSEPDIQAQEYFASNFDTEKHQWKDMRVEYERLLAELQLSRSDMHHDLKLMYKEK
CIGLSLSTAHYITSVMFGTGAKNNRQTKHQFYSKVIQLLEESTQINSVEQLASIILKAGDCDSYRKLRIRCSRKGATPSI
LKIVQDYELGTNHDDEVNVPSLIANLKEKLGRFEYECEWKCMEKIKAFLASKVGPYYLGSYSAMLENALSPIKGMTTKNC
KFVLKQIDAKNDIKYENEPFGKIVEGFFDSPYFESDTNVKWVLHPHHIGESNIKTLWEDLNAIHSKYEEDIASLSEDKKE
KRIKVYQGDVCQTINTYCEEVGKEAKTPLVQLLRYLYSRKDDIAVDKIIDGITFLSKKHKVEKQKINPVIQKYPSFNFGN
NSKLLGKIISPKDKLKHNLKCNRNQVDNYIWIEIKVLNTKTMRWEKHHYALSSTRFLEEVYYPATSENPPDALAARFRTK
TNGYEGKPALSAEQIEQIRSAPVGLRKVKKRQMRLEAARQQNLLPRYTWGKDFNINICKRGNNFEVTLATKVKKKKEKNY
KVVLGYDANIVRKNTYAAIEAHANGDGVIDYNDLPVKPIESGFVTVESQVRDKSYDQLSYNGVKLLYCKPHVESRRSFLE
KYNGTMKDNRGNNIQIDFMKDFEAIADDETSLYYFNMKYCKLLQSSIRNHSSQAKEYREEIFELLRDGKLSVLKLSSLSN
LSFVMFKVAKSLIGTYFGHLLKKPKNSKSDVKAPPITDEDKQKADPEMFALRLALEEKRLNKVKSKKEVIANKIVAKALE
LRDKYGPVLIKGENISDTTKKGKKSSTNSFLMDWLARGVANKVKEMVMMHQGLEFVEVNPNFTSHQDPFVHKNPENTFRA
RYSRCTPSELTEKNRKEILSFLSDKPSKRPTNAYYNEGAMAFLATYGLKKNDVLGVSLEKFKQIMANILHQRSEDQLLFP
SRGGMFYLATYKLDADATSVNWNGKQFWVCNADLVAAYNVGLVDIQKDFKKK
;
A
2 'polyribonucleotide' CAAAUUGUGCCCAUCGUUGGCACGCGUGCUGGAUUGCU B
3 'polydeoxyribonucleotide'
;(DA)(DG)(DC)(DA)(DA)(DT)(DC)(DC)(DA)(DG)(DC)(DA)(DC)(DG)(DC)(DG)(DA)(DA)(DA)(DG)
(DG)(DA)(DC)(DT)(DG)
;
C
#
# COMPACT_ATOMS: atom_id res chain seq x y z
N ALA A 8 -2.97 -21.67 14.86
CA ALA A 8 -4.28 -21.27 15.37
C ALA A 8 -4.47 -19.76 15.21
N SER A 9 -4.66 -19.33 13.97
CA SER A 9 -4.82 -17.93 13.63
C SER A 9 -6.27 -17.48 13.84
N GLU A 10 -6.45 -16.17 13.91
CA GLU A 10 -7.77 -15.59 14.08
C GLU A 10 -7.74 -14.13 13.66
N THR A 11 -8.91 -13.58 13.35
CA THR A 11 -9.04 -12.18 12.95
C THR A 11 -10.41 -11.68 13.40
N ARG A 12 -10.82 -10.53 12.87
CA ARG A 12 -12.10 -9.93 13.22
C ARG A 12 -12.75 -9.27 12.02
N LYS A 13 -14.08 -9.32 11.98
CA LYS A 13 -14.89 -8.66 10.98
C LYS A 13 -15.66 -7.50 11.61
N ALA A 14 -16.10 -6.57 10.76
CA ALA A 14 -16.82 -5.39 11.21
C ALA A 14 -17.74 -4.93 10.10
N TYR A 15 -18.95 -4.48 10.47
CA TYR A 15 -19.99 -4.19 9.49
C TYR A 15 -20.39 -2.72 9.46
N THR A 16 -19.69 -1.85 10.21
CA THR A 16 -19.91 -0.40 10.20
C THR A 16 -21.40 -0.06 10.14
N THR A 17 -22.08 -0.31 11.26
CA THR A 17 -23.50 -0.01 11.39
C THR A 17 -23.71 1.50 11.44
N LYS A 18 -24.98 1.92 11.50
CA LYS A 18 -25.35 3.33 11.57
C LYS A 18 -26.36 3.53 12.69
N MET A 19 -26.10 4.50 13.56
CA MET A 19 -26.95 4.75 14.72
C MET A 19 -28.23 5.45 14.29
N ILE A 20 -29.35 5.00 14.83
CA ILE A 20 -30.66 5.60 14.56
C ILE A 20 -31.11 6.31 15.82
N PRO A 21 -31.40 7.62 15.77
CA PRO A 21 -31.82 8.33 17.00
C PRO A 21 -33.09 7.74 17.59
N ARG A 22 -32.98 7.12 18.78
CA ARG A 22 -34.16 6.60 19.45
C ARG A 22 -35.04 7.73 19.96
N SER A 23 -34.44 8.71 20.64
CA SER A 23 -35.16 9.81 21.24
C SER A 23 -34.14 10.83 21.74
N HIS A 24 -34.55 12.09 21.75
CA HIS A 24 -33.62 13.15 22.12
C HIS A 24 -33.06 12.95 23.51
N ASP A 25 -33.89 12.55 24.47
CA ASP A 25 -33.41 12.35 25.83
C ASP A 25 -32.40 11.22 25.90
N ARG A 26 -32.72 10.07 25.30
CA ARG A 26 -31.80 8.93 25.33
C ARG A 26 -30.53 9.25 24.55
N MET A 27 -30.66 9.90 23.40
CA MET A 27 -29.49 10.26 22.62
C MET A 27 -28.58 11.20 23.40
N LYS A 28 -29.16 12.19 24.07
CA LYS A 28 -28.35 13.10 24.87
C LYS A 28 -27.72 12.38 26.05
N LEU A 29 -28.43 11.42 26.64
CA LEU A 29 -27.84 10.64 27.72
C LEU A 29 -26.62 9.86 27.23
N LEU A 30 -26.73 9.22 26.08
CA LEU A 30 -25.59 8.49 25.53
C LEU A 30 -24.45 9.44 25.19
N GLY A 31 -24.77 10.61 24.63
CA GLY A 31 -23.73 11.58 24.34
C GLY A 31 -23.02 12.06 25.58
N ASN A 32 -23.77 12.30 26.66
CA ASN A 32 -23.15 12.70 27.92
C ASN A 32 -22.26 11.60 28.46
N PHE A 33 -22.70 10.34 28.37
CA PHE A 33 -21.85 9.25 28.81
C PHE A 33 -20.56 9.17 28.00
N MET A 34 -20.68 9.32 26.68
CA MET A 34 -19.51 9.30 25.82
C MET A 34 -18.55 10.44 26.17
N ASP A 35 -19.09 11.64 26.38
CA ASP A 35 -18.24 12.78 26.72
C ASP A 35 -17.56 12.56 28.07
N TYR A 36 -18.28 12.00 29.04
CA TYR A 36 -17.66 11.71 30.33
C TYR A 36 -16.52 10.73 30.17
N LEU A 37 -16.72 9.66 29.39
CA LEU A 37 -15.65 8.70 29.19
C LEU A 37 -14.47 9.34 28.47
N MET A 38 -14.74 10.12 27.42
CA MET A 38 -13.66 10.72 26.64
C MET A 38 -12.84 11.69 27.47
N ASP A 39 -13.51 12.53 28.26
CA ASP A 39 -12.79 13.52 29.08
C ASP A 39 -11.96 12.86 30.17
N GLY A 40 -12.32 11.64 30.58
CA GLY A 40 -11.56 10.94 31.58
C GLY A 40 -10.30 10.27 31.06
N THR A 41 -10.22 10.04 29.74
CA THR A 41 -9.06 9.38 29.18
C THR A 41 -7.78 10.18 29.38
N PRO A 42 -7.72 11.48 29.07
CA PRO A 42 -6.46 12.21 29.25
C PRO A 42 -5.93 12.14 30.68
N ILE A 43 -6.81 12.05 31.68
CA ILE A 43 -6.35 11.92 33.05
C ILE A 43 -5.56 10.64 33.22
N PHE A 44 -6.09 9.52 32.71
CA PHE A 44 -5.36 8.26 32.76
C PHE A 44 -4.08 8.35 31.96
N PHE A 45 -4.11 9.04 30.82
CA PHE A 45 -2.91 9.19 30.00
C PHE A 45 -1.81 9.87 30.80
N GLU A 46 -2.13 11.00 31.44
CA GLU A 46 -1.13 11.71 32.24
C GLU A 46 -0.67 10.86 33.42
N LEU A 47 -1.60 10.17 34.08
CA LEU A 47 -1.22 9.36 35.24
C LEU A 47 -0.24 8.27 34.84
N TRP A 48 -0.48 7.61 33.70
CA TRP A 48 0.43 6.56 33.27
C TRP A 48 1.73 7.12 32.71
N ASN A 49 1.70 8.33 32.13
CA ASN A 49 2.95 8.99 31.79
C ASN A 49 3.81 9.17 33.04
N GLN A 50 3.20 9.65 34.12
CA GLN A 50 3.95 9.81 35.37
C GLN A 50 4.44 8.47 35.90
N PHE A 51 3.57 7.45 35.87
CA PHE A 51 3.97 6.14 36.36
C PHE A 51 5.19 5.62 35.58
N GLY A 52 5.13 5.70 34.25
CA GLY A 52 6.27 5.28 33.46
C GLY A 52 7.52 6.09 33.74
N GLY A 53 7.34 7.39 33.97
CA GLY A 53 8.47 8.22 34.34
C GLY A 53 9.11 7.76 35.64
N GLY A 54 8.30 7.20 36.54
CA GLY A 54 8.81 6.77 37.83
C GLY A 54 9.79 5.61 37.76
N ILE A 55 9.91 4.94 36.61
CA ILE A 55 10.78 3.77 36.53
C ILE A 55 12.22 4.16 36.84
N ASP A 56 12.98 3.20 37.35
CA ASP A 56 14.39 3.41 37.69
C ASP A 56 15.01 2.04 37.94
N ARG A 57 16.34 2.00 37.92
CA ARG A 57 17.04 0.77 38.23
C ARG A 57 16.65 0.28 39.63
N ASP A 58 16.93 -0.99 39.88
CA ASP A 58 16.48 -1.73 41.06
C ASP A 58 15.01 -2.08 40.98
N ILE A 59 14.30 -1.60 39.97
CA ILE A 59 12.90 -1.95 39.75
C ILE A 59 12.75 -2.97 38.64
N ILE A 60 13.48 -2.78 37.53
CA ILE A 60 13.45 -3.74 36.43
C ILE A 60 14.45 -4.87 36.61
N SER A 61 15.30 -4.81 37.63
CA SER A 61 16.30 -5.85 37.89
C SER A 61 15.71 -7.01 38.68
N GLY A 62 14.58 -7.52 38.22
CA GLY A 62 13.95 -8.69 38.80
C GLY A 62 13.98 -9.85 37.83
N THR A 63 12.86 -10.09 37.15
CA THR A 63 12.85 -11.09 36.09
C THR A 63 13.80 -10.69 34.97
N ALA A 64 13.85 -9.41 34.62
CA ALA A 64 14.75 -8.89 33.59
C ALA A 64 14.56 -9.63 32.27
N ASN A 65 13.31 -9.93 31.92
CA ASN A 65 13.00 -10.68 30.71
C ASN A 65 12.87 -9.70 29.54
N LYS A 66 13.72 -9.89 28.53
CA LYS A 66 13.71 -9.03 27.36
C LYS A 66 14.67 -9.60 26.33
N ASP A 67 14.30 -9.48 25.06
CA ASP A 67 15.06 -10.08 23.98
C ASP A 67 16.49 -9.54 23.91
N LYS A 68 16.63 -8.29 23.47
CA LYS A 68 17.94 -7.67 23.35
C LYS A 68 17.92 -6.23 23.85
N ILE A 69 16.86 -5.81 24.54
CA ILE A 69 16.71 -4.42 24.94
C ILE A 69 17.64 -4.14 26.12
N SER A 70 18.54 -3.19 25.94
CA SER A 70 19.42 -2.79 27.02
C SER A 70 18.63 -2.04 28.08
N ASP A 71 19.03 -2.22 29.34
CA ASP A 71 18.35 -1.53 30.44
C ASP A 71 18.36 -0.02 30.24
N ASP A 72 19.42 0.54 29.68
CA ASP A 72 19.49 1.96 29.40
C ASP A 72 18.42 2.40 28.41
N LEU A 73 18.20 1.63 27.33
CA LEU A 73 17.16 1.99 26.39
C LEU A 73 15.78 1.93 27.03
N LEU A 74 15.53 0.90 27.85
CA LEU A 74 14.24 0.81 28.54
C LEU A 74 14.03 2.00 29.46
N LEU A 75 15.06 2.37 30.22
CA LEU A 75 14.93 3.52 31.11
C LEU A 75 14.68 4.80 30.31
N ALA A 76 15.41 4.97 29.21
CA ALA A 76 15.24 6.17 28.40
C ALA A 76 13.83 6.27 27.87
N VAL A 77 13.28 5.18 27.34
CA VAL A 77 11.92 5.23 26.83
C VAL A 77 10.92 5.45 27.97
N ASN A 78 11.20 4.90 29.15
CA ASN A 78 10.29 5.03 30.27
C ASN A 78 10.31 6.42 30.89
N TRP A 79 11.38 7.20 30.72
CA TRP A 79 11.37 8.55 31.25
C TRP A 79 11.91 9.60 30.28
N PHE A 80 11.88 9.42 28.96
CA PHE A 80 12.36 10.52 28.08
C PHE A 80 11.57 10.35 26.80
N LYS A 81 10.36 10.92 26.60
CA LYS A 81 9.58 10.66 25.36
C LYS A 81 9.29 11.95 24.60
N VAL A 82 8.98 11.86 23.31
CA VAL A 82 8.66 13.04 22.51
C VAL A 82 7.15 13.23 22.55
N MET A 83 6.71 14.45 22.87
CA MET A 83 5.30 14.74 22.98
C MET A 83 5.02 16.12 22.40
N PRO A 84 3.76 16.50 22.22
CA PRO A 84 3.47 17.84 21.71
C PRO A 84 4.02 18.92 22.63
N ILE A 85 4.38 20.05 22.04
CA ILE A 85 4.98 21.13 22.80
C ILE A 85 4.03 21.59 23.91
N ASN A 86 2.75 21.77 23.58
CA ASN A 86 1.77 22.28 24.53
C ASN A 86 1.27 21.14 25.42
N SER A 87 2.11 20.78 26.39
CA SER A 87 1.73 19.81 27.40
C SER A 87 2.52 20.08 28.67
N LYS A 88 2.02 19.56 29.78
CA LYS A 88 2.59 19.88 31.09
C LYS A 88 4.07 19.54 31.21
N PRO A 89 4.54 18.37 30.78
CA PRO A 89 5.93 17.96 31.09
C PRO A 89 7.01 18.81 30.43
N GLN A 90 6.66 19.84 29.67
CA GLN A 90 7.65 20.61 28.93
C GLN A 90 8.78 21.08 29.85
N GLY A 91 9.94 21.34 29.27
CA GLY A 91 11.05 21.90 30.01
C GLY A 91 12.41 21.23 29.81
N VAL A 92 12.55 20.40 28.78
CA VAL A 92 13.79 19.71 28.50
C VAL A 92 14.17 19.95 27.04
N SER A 93 15.50 20.11 26.77
CA SER A 93 16.06 20.31 25.45
C SER A 93 16.82 19.08 24.99
N PRO A 94 16.95 18.84 23.69
CA PRO A 94 17.66 17.64 23.23
C PRO A 94 19.11 17.58 23.66
N SER A 95 19.79 18.73 23.73
CA SER A 95 21.24 18.71 23.96
C SER A 95 21.58 18.12 25.33
N ASN A 96 20.81 18.59 26.33
CA ASN A 96 20.95 18.28 27.78
C ASN A 96 20.31 16.93 28.12
N LEU A 97 20.23 16.00 27.18
CA LEU A 97 19.67 14.69 27.52
C LEU A 97 20.71 13.80 28.18
N ALA A 98 21.95 13.84 27.70
CA ALA A 98 22.97 12.93 28.21
C ALA A 98 23.22 13.16 29.70
N ASN A 99 23.43 14.43 30.09
CA ASN A 99 23.67 14.72 31.50
C ASN A 99 22.45 14.43 32.35
N LEU A 100 21.25 14.70 31.83
CA LEU A 100 20.04 14.41 32.56
C LEU A 100 19.94 12.91 32.85
N PHE A 101 20.22 12.08 31.84
CA PHE A 101 20.22 10.64 32.07
C PHE A 101 21.32 10.24 33.03
N GLN A 102 22.48 10.89 32.96
CA GLN A 102 23.56 10.58 33.88
C GLN A 102 23.13 10.82 35.33
N GLN A 103 22.44 11.94 35.58
CA GLN A 103 21.95 12.21 36.92
C GLN A 103 20.98 11.12 37.37
N TYR A 104 20.12 10.66 36.47
CA TYR A 104 19.16 9.62 36.80
C TYR A 104 19.81 8.25 36.79
N SER A 105 19.62 7.50 37.88
CA SER A 105 20.11 6.14 38.08
C SER A 105 21.61 6.08 38.35
N GLY A 106 22.32 7.20 38.29
CA GLY A 106 23.74 7.19 38.58
C GLY A 106 24.59 6.38 37.62
N SER A 107 24.33 6.51 36.32
CA SER A 107 25.13 5.82 35.32
C SER A 107 25.13 6.62 34.03
N GLU A 108 26.22 6.50 33.28
CA GLU A 108 26.37 7.27 32.05
C GLU A 108 25.64 6.61 30.89
N PRO A 109 25.23 7.38 29.89
CA PRO A 109 24.51 6.79 28.76
C PRO A 109 25.36 5.77 28.02
N ASP A 110 24.70 4.73 27.52
CA ASP A 110 25.36 3.71 26.71
C ASP A 110 25.07 3.97 25.23
N ILE A 111 25.48 3.04 24.37
CA ILE A 111 25.32 3.24 22.93
C ILE A 111 23.84 3.34 22.57
N GLN A 112 23.02 2.41 23.08
CA GLN A 112 21.60 2.42 22.74
C GLN A 112 20.93 3.69 23.23
N ALA A 113 21.20 4.09 24.48
CA ALA A 113 20.59 5.30 25.01
C ALA A 113 21.10 6.54 24.30
N GLN A 114 22.39 6.57 23.95
CA GLN A 114 22.92 7.71 23.21
C GLN A 114 22.24 7.84 21.86
N GLU A 115 22.06 6.73 21.15
CA GLU A 115 21.35 6.78 19.88
C GLU A 115 19.90 7.21 20.07
N TYR A 116 19.24 6.69 21.11
CA TYR A 116 17.87 7.08 21.40
C TYR A 116 17.76 8.58 21.59
N PHE A 117 18.61 9.14 22.45
CA PHE A 117 18.64 10.59 22.61
C PHE A 117 19.04 11.28 21.31
N ALA A 118 20.01 10.71 20.61
CA ALA A 118 20.46 11.26 19.33
C ALA A 118 19.53 10.85 18.19
N SER A 119 18.24 11.11 18.38
CA SER A 119 17.21 10.76 17.40
C SER A 119 16.49 12.02 16.97
N ASN A 120 16.38 12.22 15.66
CA ASN A 120 15.75 13.42 15.15
C ASN A 120 14.26 13.42 15.44
N PHE A 121 13.68 14.61 15.44
CA PHE A 121 12.24 14.79 15.62
C PHE A 121 11.86 16.13 15.01
N ASP A 122 10.57 16.47 15.07
CA ASP A 122 10.05 17.72 14.51
C ASP A 122 9.91 18.71 15.65
N THR A 123 10.89 19.61 15.78
CA THR A 123 10.87 20.59 16.86
C THR A 123 9.67 21.52 16.77
N GLU A 124 9.19 21.81 15.56
CA GLU A 124 8.09 22.77 15.41
C GLU A 124 6.83 22.28 16.11
N LYS A 125 6.51 20.99 15.97
CA LYS A 125 5.29 20.44 16.53
C LYS A 125 5.50 19.64 17.81
N HIS A 126 6.59 18.89 17.89
CA HIS A 126 6.85 18.00 19.02
C HIS A 126 8.19 18.35 19.64
N GLN A 127 8.38 17.93 20.88
CA GLN A 127 9.60 18.20 21.63
C GLN A 127 9.79 17.11 22.67
N TRP A 128 11.03 16.91 23.10
CA TRP A 128 11.30 15.96 24.17
C TRP A 128 10.63 16.43 25.44
N LYS A 129 10.26 15.49 26.32
CA LYS A 129 9.64 15.84 27.58
C LYS A 129 10.36 15.10 28.69
N ASP A 130 10.58 15.79 29.81
CA ASP A 130 11.42 15.25 30.86
C ASP A 130 10.91 13.90 31.34
N MET A 131 9.62 13.80 31.62
CA MET A 131 9.01 12.55 32.07
C MET A 131 9.64 12.06 33.37
N ARG A 132 10.45 12.91 34.01
CA ARG A 132 10.93 12.65 35.36
C ARG A 132 10.55 13.74 36.34
N VAL A 133 10.55 15.00 35.90
CA VAL A 133 9.93 16.05 36.69
C VAL A 133 8.44 15.79 36.85
N GLU A 134 7.82 15.06 35.91
CA GLU A 134 6.43 14.67 36.07
C GLU A 134 6.24 13.70 37.23
N TYR A 135 7.17 12.78 37.41
CA TYR A 135 7.08 11.85 38.54
C TYR A 135 7.21 12.59 39.87
N GLU A 136 8.15 13.52 39.96
CA GLU A 136 8.28 14.32 41.18
C GLU A 136 7.06 15.20 41.39
N ARG A 137 6.48 15.72 40.30
CA ARG A 137 5.27 16.51 40.41
C ARG A 137 4.11 15.66 40.93
N LEU A 138 3.99 14.43 40.47
CA LEU A 138 2.98 13.52 41.01
C LEU A 138 3.22 13.28 42.50
N LEU A 139 4.48 13.06 42.88
CA LEU A 139 4.77 12.84 44.30
C LEU A 139 4.38 14.04 45.14
N ALA A 140 4.71 15.25 44.67
CA ALA A 140 4.47 16.45 45.46
C ALA A 140 2.99 16.79 45.53
N GLU A 141 2.31 16.79 44.37
CA GLU A 141 0.90 17.18 44.34
C GLU A 141 0.02 16.26 45.14
N LEU A 142 0.23 14.94 45.06
CA LEU A 142 -0.51 13.99 45.86
C LEU A 142 0.21 13.63 47.16
N GLN A 143 1.39 14.21 47.40
CA GLN A 143 2.09 14.11 48.67
C GLN A 143 2.10 12.68 49.20
N LEU A 144 2.73 11.80 48.43
CA LEU A 144 2.90 10.40 48.79
C LEU A 144 4.37 10.08 48.93
N SER A 145 4.70 9.29 49.96
CA SER A 145 6.09 8.96 50.23
C SER A 145 6.74 8.29 49.02
N ARG A 146 7.97 8.70 48.72
CA ARG A 146 8.67 8.12 47.57
C ARG A 146 8.88 6.63 47.76
N SER A 147 9.11 6.18 49.00
CA SER A 147 9.27 4.76 49.24
C SER A 147 8.00 3.98 48.90
N ASP A 148 6.85 4.48 49.34
CA ASP A 148 5.59 3.81 49.03
C ASP A 148 5.30 3.80 47.54
N MET A 149 5.55 4.92 46.87
CA MET A 149 5.36 4.98 45.43
C MET A 149 6.29 4.01 44.71
N HIS A 150 7.54 3.91 45.16
CA HIS A 150 8.47 2.96 44.56
C HIS A 150 7.97 1.53 44.75
N HIS A 151 7.49 1.21 45.95
CA HIS A 151 6.96 -0.13 46.18
C HIS A 151 5.77 -0.41 45.27
N ASP A 152 4.85 0.55 45.16
CA ASP A 152 3.64 0.34 44.36
C ASP A 152 4.00 0.16 42.89
N LEU A 153 4.92 0.98 42.37
CA LEU A 153 5.27 0.87 40.96
C LEU A 153 6.11 -0.37 40.67
N LYS A 154 6.95 -0.81 41.61
CA LYS A 154 7.62 -2.09 41.46
C LYS A 154 6.62 -3.22 41.40
N LEU A 155 5.59 -3.17 42.26
CA LEU A 155 4.52 -4.16 42.18
C LEU A 155 3.81 -4.10 40.83
N MET A 156 3.56 -2.89 40.33
CA MET A 156 2.94 -2.75 39.02
C MET A 156 3.77 -3.45 37.96
N TYR A 157 5.07 -3.17 37.92
CA TYR A 157 5.92 -3.80 36.92
C TYR A 157 5.93 -5.31 37.09
N LYS A 158 5.99 -5.80 38.33
CA LYS A 158 5.88 -7.23 38.58
C LYS A 158 4.57 -7.78 38.04
N GLU A 159 3.54 -6.94 37.96
CA GLU A 159 2.26 -7.32 37.37
C GLU A 159 2.17 -6.98 35.89
N LYS A 160 3.28 -6.56 35.27
CA LYS A 160 3.30 -6.20 33.86
C LYS A 160 2.35 -5.04 33.58
N CYS A 161 2.18 -4.17 34.56
CA CYS A 161 1.31 -3.02 34.44
C CYS A 161 2.03 -1.76 33.97
N ILE A 162 3.34 -1.83 33.75
CA ILE A 162 4.10 -0.68 33.28
C ILE A 162 5.39 -1.20 32.65
N GLY A 163 5.95 -0.42 31.74
CA GLY A 163 7.18 -0.80 31.08
C GLY A 163 6.95 -1.25 29.65
N LEU A 164 7.20 -2.53 29.37
CA LEU A 164 7.04 -3.09 28.05
C LEU A 164 6.17 -4.34 28.13
N SER A 165 5.42 -4.60 27.07
CA SER A 165 4.53 -5.76 26.99
C SER A 165 3.52 -5.74 28.14
N LEU A 166 2.73 -4.67 28.17
CA LEU A 166 1.72 -4.51 29.21
C LEU A 166 0.63 -5.58 29.05
N SER A 167 -0.02 -5.89 30.17
CA SER A 167 -1.15 -6.80 30.15
C SER A 167 -2.39 -6.06 29.65
N THR A 168 -3.47 -6.82 29.46
CA THR A 168 -4.71 -6.24 28.97
C THR A 168 -5.22 -5.19 29.96
N ALA A 169 -5.83 -4.13 29.42
CA ALA A 169 -6.28 -3.02 30.25
C ALA A 169 -7.21 -3.49 31.35
N HIS A 170 -8.12 -4.42 31.03
CA HIS A 170 -9.06 -4.91 32.03
C HIS A 170 -8.33 -5.55 33.21
N TYR A 171 -7.32 -6.36 32.92
CA TYR A 171 -6.54 -6.99 33.99
C TYR A 171 -5.87 -5.94 34.86
N ILE A 172 -5.29 -4.93 34.23
CA ILE A 172 -4.63 -3.86 34.98
C ILE A 172 -5.62 -3.19 35.92
N THR A 173 -6.79 -2.81 35.37
CA THR A 173 -7.78 -2.10 36.19
C THR A 173 -8.27 -2.99 37.33
N SER A 174 -8.52 -4.26 37.04
CA SER A 174 -9.02 -5.16 38.09
C SER A 174 -7.99 -5.36 39.20
N VAL A 175 -6.72 -5.54 38.84
CA VAL A 175 -5.70 -5.77 39.85
C VAL A 175 -5.46 -4.51 40.68
N MET A 176 -5.33 -3.36 40.00
CA MET A 176 -5.06 -2.12 40.73
C MET A 176 -6.31 -1.57 41.40
N CYS A 281 -0.70 2.66 48.90
CA CYS A 281 -1.18 4.01 48.63
C CYS A 281 -2.32 4.01 47.63
N MET A 282 -2.95 2.84 47.45
CA MET A 282 -4.06 2.73 46.50
C MET A 282 -5.20 3.68 46.87
N GLU A 283 -5.42 3.92 48.16
CA GLU A 283 -6.51 4.78 48.58
C GLU A 283 -6.35 6.19 48.02
N LYS A 284 -5.15 6.76 48.16
CA LYS A 284 -4.92 8.11 47.67
C LYS A 284 -5.06 8.19 46.15
N ILE A 285 -4.53 7.18 45.45
CA ILE A 285 -4.63 7.17 44.00
C ILE A 285 -6.10 7.13 43.56
N LYS A 286 -6.89 6.26 44.21
CA LYS A 286 -8.30 6.15 43.86
C LYS A 286 -9.04 7.44 44.19
N ALA A 287 -8.70 8.07 45.31
CA ALA A 287 -9.33 9.34 45.65
C ALA A 287 -9.01 10.42 44.62
N PHE A 288 -7.76 10.46 44.16
CA PHE A 288 -7.39 11.41 43.12
C PHE A 288 -8.16 11.14 41.83
N LEU A 289 -8.28 9.87 41.47
CA LEU A 289 -9.05 9.52 40.27
C LEU A 289 -10.50 9.96 40.41
N ALA A 290 -11.09 9.74 41.58
CA ALA A 290 -12.47 10.16 41.81
C ALA A 290 -12.60 11.67 41.72
N SER A 291 -11.62 12.41 42.25
CA SER A 291 -11.66 13.86 42.16
C SER A 291 -11.59 14.32 40.71
N LYS A 292 -10.74 13.67 39.92
CA LYS A 292 -10.60 14.04 38.51
C LYS A 292 -11.58 13.29 37.62
N VAL A 293 -11.63 11.97 37.75
CA VAL A 293 -12.52 11.15 36.97
C VAL A 293 -13.71 10.76 37.84
N GLY A 294 -14.80 10.32 37.20
CA GLY A 294 -16.00 9.94 37.92
C GLY A 294 -15.76 8.79 38.88
N PRO A 295 -16.82 8.31 39.51
CA PRO A 295 -16.67 7.24 40.50
C PRO A 295 -16.14 5.97 39.88
N TYR A 296 -15.45 5.18 40.70
CA TYR A 296 -14.83 3.95 40.22
C TYR A 296 -15.87 2.97 39.71
N TYR A 297 -15.83 2.74 38.40
CA TYR A 297 -16.62 1.68 37.76
C TYR A 297 -15.71 0.92 36.82
N LEU A 298 -15.76 -0.41 36.91
CA LEU A 298 -14.77 -1.23 36.21
C LEU A 298 -14.81 -0.99 34.70
N GLY A 299 -16.02 -0.91 34.13
CA GLY A 299 -16.11 -0.79 32.68
C GLY A 299 -15.54 0.52 32.16
N SER A 300 -15.96 1.64 32.75
CA SER A 300 -15.48 2.93 32.27
C SER A 300 -13.98 3.08 32.51
N TYR A 301 -13.52 2.67 33.68
CA TYR A 301 -12.09 2.75 33.97
C TYR A 301 -11.29 1.88 33.00
N SER A 302 -11.77 0.68 32.71
CA SER A 302 -11.06 -0.17 31.76
C SER A 302 -11.03 0.45 30.38
N ALA A 303 -12.15 1.02 29.93
CA ALA A 303 -12.17 1.63 28.60
C ALA A 303 -11.21 2.80 28.52
N MET A 304 -11.24 3.69 29.52
CA MET A 304 -10.36 4.85 29.49
C MET A 304 -8.89 4.42 29.59
N LEU A 305 -8.60 3.44 30.45
CA LEU A 305 -7.24 2.95 30.58
C LEU A 305 -6.75 2.33 29.28
N GLU A 306 -7.61 1.57 28.59
CA GLU A 306 -7.23 1.00 27.31
C GLU A 306 -6.94 2.10 26.29
N ASN A 307 -7.83 3.07 26.16
CA ASN A 307 -7.64 4.13 25.17
C ASN A 307 -6.52 5.08 25.54
N ALA A 308 -6.05 5.07 26.78
CA ALA A 308 -4.87 5.85 27.16
C ALA A 308 -3.59 5.06 26.98
N LEU A 309 -3.59 3.77 27.34
CA LEU A 309 -2.40 2.94 27.20
C LEU A 309 -2.07 2.65 25.75
N SER A 310 -3.08 2.51 24.89
CA SER A 310 -2.81 2.20 23.49
C SER A 310 -1.70 3.04 22.90
N PRO A 311 -1.80 4.37 22.82
CA PRO A 311 -0.67 5.14 22.30
C PRO A 311 0.61 4.93 23.09
N ILE A 312 0.50 4.84 24.42
CA ILE A 312 1.70 4.70 25.25
C ILE A 312 2.50 3.47 24.82
N LYS A 313 1.90 2.29 24.98
CA LYS A 313 2.64 1.06 24.69
C LYS A 313 2.95 0.93 23.22
N GLY A 314 2.02 1.36 22.35
CA GLY A 314 2.28 1.26 20.92
C GLY A 314 3.51 2.05 20.51
N MET A 315 3.55 3.34 20.87
CA MET A 315 4.70 4.15 20.51
C MET A 315 5.96 3.70 21.24
N THR A 316 5.83 3.19 22.47
CA THR A 316 7.01 2.71 23.18
C THR A 316 7.64 1.54 22.44
N THR A 317 6.84 0.53 22.08
CA THR A 317 7.37 -0.60 21.34
C THR A 317 7.91 -0.18 19.98
N LYS A 318 7.17 0.70 19.29
CA LYS A 318 7.63 1.13 17.98
C LYS A 318 8.96 1.85 18.06
N ASN A 319 9.12 2.74 19.04
CA ASN A 319 10.38 3.47 19.19
C ASN A 319 11.51 2.57 19.65
N CYS A 320 11.22 1.57 20.49
CA CYS A 320 12.25 0.63 20.88
C CYS A 320 12.78 -0.13 19.66
N LYS A 321 11.87 -0.66 18.84
CA LYS A 321 12.32 -1.36 17.64
C LYS A 321 12.98 -0.39 16.67
N PHE A 322 12.55 0.87 16.67
CA PHE A 322 13.19 1.88 15.83
C PHE A 322 14.64 2.11 16.25
N VAL A 323 14.88 2.17 17.56
CA VAL A 323 16.26 2.33 18.05
C VAL A 323 17.09 1.11 17.70
N LEU A 324 16.51 -0.09 17.85
CA LEU A 324 17.24 -1.29 17.46
C LEU A 324 17.63 -1.23 16.00
N LYS A 325 16.69 -0.85 15.13
CA LYS A 325 16.98 -0.75 13.71
C LYS A 325 18.05 0.29 13.44
N GLN A 326 17.98 1.44 14.10
CA GLN A 326 18.96 2.50 13.87
C GLN A 326 20.36 2.06 14.29
N ILE A 327 20.49 1.40 15.44
CA ILE A 327 21.81 0.95 15.86
C ILE A 327 22.33 -0.12 14.92
N ASP A 328 21.46 -1.03 14.47
CA ASP A 328 21.90 -2.04 13.53
C ASP A 328 22.36 -1.42 12.22
N ALA A 329 21.63 -0.41 11.73
CA ALA A 329 22.02 0.25 10.50
C ALA A 329 23.34 0.98 10.67
N LYS A 330 23.54 1.67 11.79
CA LYS A 330 24.80 2.36 12.02
C LYS A 330 25.96 1.37 12.11
N ASN A 331 25.75 0.22 12.74
CA ASN A 331 26.78 -0.81 12.74
C ASN A 331 27.14 -1.24 11.33
N ASP A 332 26.23 -1.12 10.38
CA ASP A 332 26.51 -1.41 8.98
C ASP A 332 27.18 -0.23 8.27
N ILE A 333 27.32 0.91 8.94
CA ILE A 333 28.07 2.02 8.37
C ILE A 333 29.55 1.80 8.61
N LYS A 334 30.36 1.90 7.54
CA LYS A 334 31.78 1.59 7.65
C LYS A 334 32.47 2.52 8.64
N TYR A 335 32.23 3.83 8.52
CA TYR A 335 32.79 4.89 9.35
C TYR A 335 34.28 5.13 9.09
N GLU A 336 34.94 4.26 8.33
CA GLU A 336 36.32 4.52 7.94
C GLU A 336 36.42 5.44 6.74
N ASN A 337 35.32 5.63 6.02
CA ASN A 337 35.24 6.64 4.97
C ASN A 337 34.82 8.00 5.52
N GLU A 338 34.62 8.11 6.83
CA GLU A 338 34.20 9.38 7.43
C GLU A 338 35.08 10.54 6.99
N PRO A 339 36.41 10.45 7.04
CA PRO A 339 37.22 11.52 6.43
C PRO A 339 36.93 11.69 4.95
N PHE A 340 36.73 10.58 4.22
CA PHE A 340 36.36 10.67 2.83
C PHE A 340 34.98 11.30 2.67
N GLY A 341 34.05 10.96 3.57
CA GLY A 341 32.74 11.60 3.52
C GLY A 341 32.84 13.10 3.70
N LYS A 342 33.64 13.56 4.66
CA LYS A 342 33.83 15.00 4.85
C LYS A 342 34.48 15.62 3.62
N ILE A 343 35.48 14.94 3.05
CA ILE A 343 36.15 15.46 1.87
C ILE A 343 35.15 15.67 0.74
N VAL A 344 34.30 14.67 0.49
CA VAL A 344 33.31 14.80 -0.58
C VAL A 344 32.31 15.91 -0.25
N GLU A 345 31.84 15.96 1.00
CA GLU A 345 30.86 16.96 1.38
C GLU A 345 31.42 18.37 1.35
N GLY A 346 32.75 18.51 1.37
CA GLY A 346 33.38 19.82 1.35
C GLY A 346 33.05 20.65 0.12
N VAL A 359 22.12 27.35 -0.01
CA VAL A 359 21.35 26.11 -0.13
C VAL A 359 22.27 24.91 -0.06
N LYS A 360 21.78 23.84 0.56
CA LYS A 360 22.56 22.62 0.74
C LYS A 360 21.62 21.43 0.76
N TRP A 361 22.07 20.32 0.18
CA TRP A 361 21.29 19.09 0.14
C TRP A 361 22.23 17.90 0.26
N VAL A 362 21.67 16.76 0.66
CA VAL A 362 22.44 15.53 0.77
C VAL A 362 22.71 14.98 -0.62
N LEU A 363 23.83 14.29 -0.77
CA LEU A 363 24.21 13.66 -2.02
C LEU A 363 23.84 12.18 -1.97
N HIS A 364 23.16 11.71 -3.00
CA HIS A 364 22.69 10.34 -3.09
C HIS A 364 23.42 9.59 -4.19
N PRO A 365 23.49 8.25 -4.11
CA PRO A 365 24.23 7.50 -5.12
C PRO A 365 23.70 7.68 -6.52
N HIS A 366 22.40 7.92 -6.69
CA HIS A 366 21.85 8.12 -8.03
C HIS A 366 22.26 9.45 -8.65
N HIS A 367 22.87 10.34 -7.87
CA HIS A 367 23.34 11.61 -8.41
C HIS A 367 24.58 11.47 -9.28
N ILE A 368 25.23 10.30 -9.28
CA ILE A 368 26.48 10.11 -10.00
C ILE A 368 26.41 8.86 -10.86
N GLY A 369 25.24 8.25 -10.96
CA GLY A 369 25.15 6.97 -11.64
C GLY A 369 25.91 5.91 -10.90
N GLU A 370 25.35 5.47 -9.77
CA GLU A 370 26.02 4.56 -8.84
C GLU A 370 26.89 3.52 -9.53
N SER A 371 26.37 2.88 -10.59
CA SER A 371 27.09 1.83 -11.29
C SER A 371 27.84 2.32 -12.52
N ASN A 372 27.32 3.34 -13.21
CA ASN A 372 27.97 3.85 -14.41
C ASN A 372 29.12 4.80 -14.08
N ILE A 373 29.24 5.22 -12.83
CA ILE A 373 30.34 6.10 -12.44
C ILE A 373 31.68 5.42 -12.66
N LYS A 374 31.77 4.11 -12.46
CA LYS A 374 33.02 3.41 -12.69
C LYS A 374 33.46 3.53 -14.14
N THR A 375 32.52 3.31 -15.08
CA THR A 375 32.86 3.45 -16.49
C THR A 375 33.20 4.89 -16.84
N LEU A 376 32.43 5.84 -16.31
CA LEU A 376 32.71 7.25 -16.58
C LEU A 376 34.12 7.60 -16.12
N TRP A 377 34.49 7.18 -14.92
CA TRP A 377 35.81 7.49 -14.40
C TRP A 377 36.90 6.75 -15.15
N GLU A 378 36.63 5.54 -15.64
CA GLU A 378 37.62 4.85 -16.45
C GLU A 378 37.89 5.64 -17.73
N ASP A 379 36.83 6.08 -18.41
CA ASP A 379 37.02 6.88 -19.62
C ASP A 379 37.75 8.18 -19.31
N LEU A 380 37.38 8.84 -18.21
CA LEU A 380 38.03 10.08 -17.83
C LEU A 380 39.50 9.87 -17.50
N ASN A 381 39.82 8.75 -16.85
CA ASN A 381 41.23 8.44 -16.57
C ASN A 381 42.01 8.19 -17.85
N ALA A 382 41.40 7.50 -18.81
CA ALA A 382 42.08 7.29 -20.09
C ALA A 382 42.33 8.63 -20.79
N ILE A 383 41.32 9.50 -20.80
CA ILE A 383 41.49 10.81 -21.44
C ILE A 383 42.54 11.63 -20.71
N HIS A 384 42.55 11.58 -19.38
CA HIS A 384 43.54 12.30 -18.61
C HIS A 384 44.95 11.77 -18.88
N SER A 385 45.08 10.46 -19.04
CA SER A 385 46.38 9.89 -19.38
C SER A 385 46.85 10.39 -20.75
N LYS A 386 45.94 10.41 -21.73
CA LYS A 386 46.30 10.95 -23.05
C LYS A 386 46.74 12.40 -22.93
N TYR A 387 45.98 13.20 -22.18
CA TYR A 387 46.30 14.61 -22.03
C TYR A 387 47.65 14.79 -21.34
N GLU A 388 47.92 14.00 -20.30
CA GLU A 388 49.18 14.11 -19.59
C GLU A 388 50.36 13.71 -20.46
N GLU A 389 50.22 12.63 -21.24
CA GLU A 389 51.32 12.22 -22.10
C GLU A 389 51.56 13.22 -23.23
N ASP A 390 50.49 13.86 -23.72
CA ASP A 390 50.68 14.89 -24.74
C ASP A 390 51.29 16.16 -24.15
N ILE A 391 50.96 16.50 -22.90
CA ILE A 391 51.57 17.67 -22.27
C ILE A 391 53.03 17.41 -21.93
N ALA A 392 53.38 16.20 -21.49
CA ALA A 392 54.76 15.91 -21.14
C ALA A 392 55.68 16.12 -22.33
N SER A 393 55.28 15.63 -23.49
CA SER A 393 55.96 15.92 -24.74
C SER A 393 55.34 17.15 -25.37
N LEU A 394 55.85 17.58 -26.52
CA LEU A 394 55.33 18.75 -27.23
C LEU A 394 55.25 19.95 -26.28
N SER A 395 56.29 20.12 -25.48
CA SER A 395 56.33 21.20 -24.49
C SER A 395 56.60 22.51 -25.22
N GLU A 396 55.61 23.38 -25.24
CA GLU A 396 55.73 24.67 -25.91
C GLU A 396 54.59 25.58 -25.44
N ASP A 397 54.48 26.76 -26.04
CA ASP A 397 53.46 27.71 -25.66
C ASP A 397 52.08 27.19 -26.07
N LYS A 398 51.05 27.98 -25.78
CA LYS A 398 49.65 27.68 -26.06
C LYS A 398 49.15 26.50 -25.24
N LYS A 399 49.85 26.13 -24.18
CA LYS A 399 49.39 25.00 -23.35
C LYS A 399 48.05 25.32 -22.71
N GLU A 400 47.83 26.58 -22.31
CA GLU A 400 46.59 26.96 -21.66
C GLU A 400 45.38 26.71 -22.55
N LYS A 401 45.48 27.03 -23.84
CA LYS A 401 44.38 26.76 -24.76
C LYS A 401 44.06 25.28 -24.86
N ARG A 402 45.09 24.44 -24.96
CA ARG A 402 44.85 22.99 -25.03
C ARG A 402 44.23 22.49 -23.74
N ILE A 403 44.67 23.01 -22.60
CA ILE A 403 44.10 22.61 -21.32
C ILE A 403 42.63 23.02 -21.25
N LYS A 404 42.30 24.23 -21.72
CA LYS A 404 40.92 24.67 -21.73
C LYS A 404 40.07 23.78 -22.65
N VAL A 405 40.65 23.38 -23.79
CA VAL A 405 39.99 22.51 -24.80
C VAL A 405 39.78 21.13 -24.17
N TYR A 406 40.69 20.72 -23.29
CA TYR A 406 40.65 19.43 -22.55
C TYR A 406 39.52 19.49 -21.51
N GLN A 407 39.41 20.61 -20.79
CA GLN A 407 38.39 20.81 -19.78
C GLN A 407 37.00 20.85 -20.41
N GLY A 408 36.87 21.57 -21.53
CA GLY A 408 35.59 21.60 -22.22
C GLY A 408 35.15 20.23 -22.70
N ASP A 409 36.09 19.45 -23.23
CA ASP A 409 35.76 18.12 -23.72
C ASP A 409 35.31 17.22 -22.57
N VAL A 410 35.99 17.27 -21.43
CA VAL A 410 35.58 16.43 -20.30
C VAL A 410 34.22 16.88 -19.79
N CYS A 411 33.97 18.19 -19.76
CA CYS A 411 32.66 18.67 -19.34
C CYS A 411 31.56 18.18 -20.27
N GLN A 412 31.80 18.24 -21.58
CA GLN A 412 30.81 17.75 -22.53
C GLN A 412 30.60 16.25 -22.38
N THR A 413 31.68 15.50 -22.14
CA THR A 413 31.55 14.06 -21.93
C THR A 413 30.72 13.76 -20.70
N ILE A 414 30.95 14.50 -19.61
CA ILE A 414 30.17 14.30 -18.39
C ILE A 414 28.71 14.61 -18.64
N ASN A 415 28.43 15.71 -19.34
CA ASN A 415 27.04 16.07 -19.62
C ASN A 415 26.36 15.02 -20.48
N THR A 416 27.06 14.50 -21.48
CA THR A 416 26.48 13.46 -22.33
C THR A 416 26.24 12.19 -21.52
N TYR A 417 27.17 11.84 -20.63
CA TYR A 417 26.97 10.68 -19.77
C TYR A 417 25.73 10.85 -18.91
N CYS A 418 25.57 12.02 -18.31
CA CYS A 418 24.38 12.26 -17.49
C CYS A 418 23.11 12.19 -18.33
N GLU A 419 23.15 12.75 -19.53
CA GLU A 419 21.98 12.68 -20.41
C GLU A 419 21.63 11.24 -20.74
N GLU A 420 22.64 10.42 -21.03
CA GLU A 420 22.38 9.02 -21.35
C GLU A 420 21.82 8.28 -20.15
N VAL A 421 22.39 8.52 -18.96
CA VAL A 421 21.95 7.81 -17.76
C VAL A 421 20.59 8.27 -17.28
N GLY A 422 20.16 9.48 -17.64
CA GLY A 422 18.88 9.98 -17.20
C GLY A 422 17.69 9.45 -17.96
N LYS A 423 17.90 8.61 -18.98
CA LYS A 423 16.82 8.01 -19.74
C LYS A 423 16.15 6.86 -19.02
N GLU A 424 16.90 6.10 -18.22
CA GLU A 424 16.36 4.98 -17.47
C GLU A 424 16.33 5.20 -15.97
N ALA A 425 16.92 6.29 -15.48
CA ALA A 425 16.92 6.61 -14.06
C ALA A 425 17.07 8.12 -13.92
N LYS A 426 17.23 8.60 -12.69
CA LYS A 426 17.41 10.02 -12.46
C LYS A 426 18.75 10.48 -13.01
N THR A 427 18.74 11.65 -13.63
CA THR A 427 19.94 12.16 -14.27
C THR A 427 21.00 12.46 -13.22
N PRO A 428 22.21 11.91 -13.33
CA PRO A 428 23.27 12.26 -12.37
C PRO A 428 23.60 13.73 -12.40
N LEU A 429 23.95 14.27 -11.24
CA LEU A 429 24.26 15.68 -11.12
C LEU A 429 25.57 16.01 -11.83
N VAL A 430 25.52 17.02 -12.70
CA VAL A 430 26.71 17.41 -13.45
C VAL A 430 27.73 18.06 -12.52
N GLN A 431 27.27 18.96 -11.65
CA GLN A 431 28.19 19.70 -10.79
C GLN A 431 28.90 18.77 -9.82
N LEU A 432 28.18 17.78 -9.27
CA LEU A 432 28.82 16.81 -8.39
C LEU A 432 29.92 16.05 -9.11
N LEU A 433 29.65 15.63 -10.35
CA LEU A 433 30.67 14.92 -11.11
C LEU A 433 31.87 15.83 -11.40
N ARG A 434 31.62 17.09 -11.72
CA ARG A 434 32.73 18.01 -11.97
C ARG A 434 33.58 18.20 -10.73
N TYR A 435 32.94 18.36 -9.57
CA TYR A 435 33.69 18.51 -8.33
C TYR A 435 34.50 17.25 -8.03
N LEU A 436 33.90 16.08 -8.23
CA LEU A 436 34.63 14.84 -7.99
C LEU A 436 35.81 14.71 -8.93
N TYR A 437 35.63 15.06 -10.20
CA TYR A 437 36.71 14.95 -11.18
C TYR A 437 37.85 15.92 -10.86
N SER A 438 37.52 17.12 -10.39
CA SER A 438 38.56 18.06 -10.01
C SER A 438 39.45 17.47 -8.92
N ARG A 439 38.84 16.81 -7.93
CA ARG A 439 39.58 16.10 -6.89
C ARG A 439 39.77 14.63 -7.25
N LYS A 440 40.30 14.38 -8.45
CA LYS A 440 40.50 13.00 -8.90
C LYS A 440 41.73 12.36 -8.28
N ASP A 441 42.76 13.14 -7.95
CA ASP A 441 43.99 12.59 -7.38
C ASP A 441 43.89 12.31 -5.89
N ASP A 442 43.00 13.01 -5.18
CA ASP A 442 42.88 12.85 -3.74
C ASP A 442 41.98 11.70 -3.33
N ILE A 443 41.32 11.04 -4.28
CA ILE A 443 40.40 9.95 -3.96
C ILE A 443 40.17 9.15 -5.25
N ALA A 444 40.05 7.83 -5.09
CA ALA A 444 39.88 6.95 -6.23
C ALA A 444 38.39 6.79 -6.54
N VAL A 445 38.09 6.03 -7.59
CA VAL A 445 36.70 5.84 -8.01
C VAL A 445 35.94 5.03 -6.98
N ASP A 446 36.50 3.89 -6.57
CA ASP A 446 35.85 3.09 -5.53
C ASP A 446 35.78 3.86 -4.22
N LYS A 447 36.84 4.62 -3.89
CA LYS A 447 36.80 5.45 -2.69
C LYS A 447 35.72 6.52 -2.81
N ILE A 448 35.56 7.11 -3.99
CA ILE A 448 34.50 8.10 -4.18
C ILE A 448 33.13 7.47 -3.96
N ILE A 449 32.91 6.29 -4.53
CA ILE A 449 31.62 5.62 -4.37
C ILE A 449 31.38 5.30 -2.91
N ASP A 450 32.40 4.78 -2.22
CA ASP A 450 32.25 4.46 -0.81
C ASP A 450 31.93 5.70 0.01
N GLY A 451 32.62 6.81 -0.26
CA GLY A 451 32.36 8.03 0.47
C GLY A 451 30.96 8.56 0.24
N ILE A 452 30.49 8.53 -1.02
CA ILE A 452 29.17 9.06 -1.31
C ILE A 452 28.09 8.18 -0.71
N THR A 453 28.24 6.86 -0.79
CA THR A 453 27.26 5.98 -0.18
C THR A 453 27.29 6.11 1.34
N PHE A 454 28.47 6.33 1.92
CA PHE A 454 28.56 6.57 3.36
C PHE A 454 27.81 7.84 3.74
N LEU A 455 28.01 8.92 2.98
CA LEU A 455 27.29 10.16 3.26
C LEU A 455 25.79 9.98 3.14
N SER A 456 25.33 9.31 2.08
CA SER A 456 23.90 9.12 1.90
C SER A 456 23.32 8.28 3.02
N LYS A 457 24.00 7.19 3.39
CA LYS A 457 23.50 6.33 4.46
C LYS A 457 23.48 7.08 5.79
N LYS A 458 24.53 7.85 6.08
CA LYS A 458 24.56 8.60 7.34
C LYS A 458 23.42 9.61 7.39
N HIS A 459 23.22 10.34 6.29
CA HIS A 459 22.13 11.32 6.26
C HIS A 459 20.78 10.64 6.44
N LYS A 460 20.55 9.52 5.76
CA LYS A 460 19.30 8.81 5.90
C LYS A 460 19.10 8.34 7.34
N VAL A 461 20.16 7.79 7.95
CA VAL A 461 20.04 7.27 9.31
C VAL A 461 19.81 8.40 10.30
N GLU A 462 20.33 9.59 10.02
CA GLU A 462 20.22 10.71 10.95
C GLU A 462 18.94 11.53 10.76
N LYS A 463 18.15 11.26 9.73
CA LYS A 463 16.87 11.93 9.53
C LYS A 463 15.69 11.05 9.91
N GLN A 464 15.94 9.83 10.40
CA GLN A 464 14.86 8.94 10.82
C GLN A 464 14.26 9.48 12.12
N LYS A 465 13.06 10.03 12.04
CA LYS A 465 12.43 10.60 13.21
C LYS A 465 12.05 9.51 14.21
N ILE A 466 11.96 9.90 15.47
CA ILE A 466 11.46 9.03 16.53
C ILE A 466 9.97 9.28 16.66
N ASN A 467 9.24 8.24 17.03
CA ASN A 467 7.78 8.33 17.02
C ASN A 467 7.28 9.07 18.25
N PRO A 468 6.56 10.17 18.11
CA PRO A 468 5.97 10.85 19.26
C PRO A 468 4.90 10.00 19.92
N VAL A 469 4.46 10.46 21.09
CA VAL A 469 3.41 9.80 21.85
C VAL A 469 2.24 10.79 21.91
N ILE A 470 1.32 10.65 20.97
CA ILE A 470 0.12 11.47 20.91
C ILE A 470 -1.01 10.73 21.62
N GLN A 471 -2.02 11.49 22.06
CA GLN A 471 -3.14 10.88 22.76
C GLN A 471 -4.15 10.31 21.76
N LYS A 472 -4.48 9.04 21.95
CA LYS A 472 -5.42 8.35 21.07
C LYS A 472 -6.84 8.85 21.33
N TYR A 473 -7.62 8.95 20.27
CA TYR A 473 -9.03 9.27 20.43
C TYR A 473 -9.78 8.02 20.89
N PRO A 474 -10.46 8.04 22.03
CA PRO A 474 -11.09 6.82 22.53
C PRO A 474 -12.16 6.29 21.57
N SER A 475 -12.35 4.97 21.63
CA SER A 475 -13.31 4.27 20.79
C SER A 475 -14.38 3.53 21.59
N PHE A 476 -14.09 3.15 22.83
CA PHE A 476 -15.08 2.60 23.75
C PHE A 476 -15.73 1.33 23.17
N ASN A 477 -14.90 0.30 23.05
CA ASN A 477 -15.38 -1.00 22.58
C ASN A 477 -16.34 -1.59 23.60
N PHE A 478 -17.62 -1.64 23.25
CA PHE A 478 -18.64 -2.23 24.10
C PHE A 478 -18.75 -3.73 23.81
N GLY A 479 -18.70 -4.54 24.86
CA GLY A 479 -18.76 -5.99 24.71
C GLY A 479 -19.58 -6.66 25.80
N ASN A 480 -19.29 -7.93 26.07
CA ASN A 480 -20.03 -8.71 27.05
C ASN A 480 -19.18 -9.31 28.16
N ASN A 481 -17.95 -9.73 27.86
CA ASN A 481 -17.15 -10.48 28.82
C ASN A 481 -16.49 -9.56 29.86
N SER A 482 -15.65 -8.64 29.40
CA SER A 482 -14.85 -7.81 30.30
C SER A 482 -14.81 -6.35 29.87
N LYS A 483 -15.75 -5.87 29.05
CA LYS A 483 -15.76 -4.51 28.51
C LYS A 483 -17.04 -3.86 29.04
N LEU A 484 -17.26 -2.64 28.64
CA LEU A 484 -18.51 -1.96 28.95
C LEU A 484 -19.69 -2.83 28.55
N LEU A 485 -20.45 -3.29 29.54
CA LEU A 485 -21.48 -4.29 29.26
C LEU A 485 -22.47 -3.76 28.24
N GLY A 486 -22.76 -4.58 27.24
CA GLY A 486 -23.65 -4.23 26.17
C GLY A 486 -23.67 -5.33 25.14
N LYS A 487 -24.73 -5.33 24.34
CA LYS A 487 -24.94 -6.45 23.44
C LYS A 487 -26.08 -6.16 22.49
N ILE A 488 -25.93 -6.61 21.23
CA ILE A 488 -27.11 -6.83 20.41
C ILE A 488 -27.94 -7.89 21.12
N ILE A 489 -29.25 -7.66 21.20
CA ILE A 489 -30.05 -8.44 22.12
C ILE A 489 -30.01 -9.91 21.67
N SER A 490 -30.65 -10.20 20.54
CA SER A 490 -30.51 -11.47 19.85
C SER A 490 -31.46 -11.46 18.65
N PRO A 491 -31.32 -12.40 17.71
CA PRO A 491 -32.45 -12.65 16.79
C PRO A 491 -33.60 -13.38 17.46
N LYS A 492 -33.31 -14.40 18.27
CA LYS A 492 -34.36 -15.12 18.97
C LYS A 492 -35.07 -14.22 19.98
N ASP A 493 -34.30 -13.44 20.73
CA ASP A 493 -34.93 -12.51 21.67
C ASP A 493 -35.61 -11.36 20.93
N LYS A 494 -35.13 -11.01 19.73
CA LYS A 494 -35.86 -10.05 18.92
C LYS A 494 -37.23 -10.59 18.54
N LEU A 495 -37.29 -11.86 18.15
CA LEU A 495 -38.59 -12.48 17.87
C LEU A 495 -39.46 -12.52 19.12
N LYS A 496 -38.86 -12.84 20.27
CA LYS A 496 -39.62 -12.85 21.52
C LYS A 496 -40.22 -11.48 21.80
N HIS A 497 -39.43 -10.42 21.62
CA HIS A 497 -39.93 -9.07 21.83
C HIS A 497 -41.02 -8.72 20.84
N ASN A 498 -40.85 -9.09 19.58
CA ASN A 498 -41.86 -8.78 18.56
C ASN A 498 -43.13 -9.59 18.72
N LEU A 499 -43.08 -10.73 19.40
CA LEU A 499 -44.26 -11.54 19.68
C LEU A 499 -44.97 -11.14 20.95
N LYS A 500 -44.23 -10.84 22.02
CA LYS A 500 -44.86 -10.38 23.25
C LYS A 500 -45.62 -9.07 23.02
N CYS A 501 -45.01 -8.14 22.30
CA CYS A 501 -45.64 -6.89 21.93
C CYS A 501 -46.04 -6.95 20.46
N ASN A 502 -47.28 -6.56 20.18
CA ASN A 502 -47.81 -6.64 18.81
C ASN A 502 -46.88 -5.94 17.83
N ARG A 503 -46.33 -6.70 16.90
CA ARG A 503 -45.40 -6.15 15.91
C ARG A 503 -45.42 -7.06 14.67
N ASN A 504 -44.87 -6.52 13.57
CA ASN A 504 -44.89 -7.26 12.31
C ASN A 504 -44.01 -8.50 12.34
N GLN A 505 -43.17 -8.65 13.37
CA GLN A 505 -42.25 -9.78 13.53
C GLN A 505 -41.06 -9.70 12.58
N VAL A 506 -41.03 -8.75 11.66
CA VAL A 506 -39.90 -8.55 10.75
C VAL A 506 -39.69 -7.06 10.58
N ASP A 507 -38.45 -6.61 10.83
CA ASP A 507 -38.15 -5.19 10.79
C ASP A 507 -36.73 -5.01 10.28
N ASN A 508 -36.45 -3.81 9.76
CA ASN A 508 -35.18 -3.50 9.12
C ASN A 508 -34.22 -2.75 10.04
N TYR A 509 -34.31 -3.00 11.35
CA TYR A 509 -33.46 -2.34 12.38
C TYR A 509 -33.02 -3.37 13.43
N ILE A 510 -31.89 -3.11 14.08
CA ILE A 510 -31.36 -3.95 15.15
C ILE A 510 -31.33 -3.15 16.43
N TRP A 511 -31.80 -3.74 17.52
CA TRP A 511 -31.81 -3.09 18.82
C TRP A 511 -30.67 -3.62 19.67
N ILE A 512 -29.85 -2.72 20.18
CA ILE A 512 -28.70 -3.06 21.01
C ILE A 512 -28.93 -2.46 22.40
N GLU A 513 -28.74 -3.28 23.43
CA GLU A 513 -28.88 -2.86 24.82
C GLU A 513 -27.50 -2.50 25.34
N ILE A 514 -27.34 -1.24 25.75
CA ILE A 514 -26.08 -0.69 26.22
C ILE A 514 -26.27 -0.24 27.67
N LYS A 515 -25.33 -0.63 28.54
CA LYS A 515 -25.37 -0.21 29.93
C LYS A 515 -24.72 1.17 30.03
N VAL A 516 -25.53 2.21 29.92
CA VAL A 516 -25.06 3.59 29.95
C VAL A 516 -25.04 4.06 31.39
N LEU A 517 -24.00 4.82 31.75
CA LEU A 517 -23.89 5.42 33.06
C LEU A 517 -24.56 6.79 33.02
N ASN A 518 -25.54 7.00 33.88
CA ASN A 518 -26.28 8.26 33.91
C ASN A 518 -25.40 9.34 34.54
N THR A 519 -25.06 10.36 33.76
CA THR A 519 -24.24 11.45 34.29
C THR A 519 -24.95 12.20 35.41
N LYS A 520 -26.24 12.45 35.26
CA LYS A 520 -26.99 13.17 36.29
C LYS A 520 -26.95 12.43 37.62
N THR A 521 -27.49 11.21 37.64
CA THR A 521 -27.44 10.34 38.81
C THR A 521 -26.40 9.26 38.52
N MET A 522 -25.34 9.22 39.33
CA MET A 522 -24.19 8.38 39.05
C MET A 522 -24.58 6.92 39.31
N ARG A 523 -25.33 6.36 38.37
CA ARG A 523 -25.71 4.95 38.42
C ARG A 523 -25.87 4.44 37.00
N TRP A 524 -25.72 3.12 36.85
CA TRP A 524 -25.85 2.48 35.56
C TRP A 524 -27.31 2.22 35.22
N GLU A 525 -27.58 2.09 33.93
CA GLU A 525 -28.93 1.75 33.46
C GLU A 525 -28.84 1.30 32.01
N LYS A 526 -29.57 0.24 31.67
CA LYS A 526 -29.49 -0.31 30.32
C LYS A 526 -30.55 0.33 29.43
N HIS A 527 -30.10 0.89 28.32
CA HIS A 527 -30.98 1.51 27.33
C HIS A 527 -30.85 0.79 26.00
N HIS A 528 -31.78 1.05 25.09
CA HIS A 528 -31.82 0.39 23.80
C HIS A 528 -31.65 1.42 22.69
N TYR A 529 -30.80 1.09 21.71
CA TYR A 529 -30.54 1.98 20.58
C TYR A 529 -30.59 1.20 19.28
N ALA A 530 -30.91 1.89 18.20
CA ALA A 530 -31.25 1.25 16.94
C ALA A 530 -30.13 1.43 15.91
N LEU A 531 -29.70 0.33 15.31
CA LEU A 531 -28.71 0.31 14.25
C LEU A 531 -29.36 -0.12 12.94
N SER A 532 -28.83 0.40 11.84
CA SER A 532 -29.48 0.31 10.53
C SER A 532 -28.50 -0.14 9.46
N SER A 533 -27.77 -1.22 9.69
CA SER A 533 -26.87 -1.79 8.69
C SER A 533 -27.57 -2.96 8.01
N THR A 534 -27.96 -2.77 6.75
CA THR A 534 -28.63 -3.84 6.02
C THR A 534 -27.71 -5.03 5.81
N ARG A 535 -26.42 -4.79 5.58
CA ARG A 535 -25.49 -5.88 5.35
C ARG A 535 -25.42 -6.80 6.57
N PHE A 536 -25.40 -6.22 7.77
CA PHE A 536 -25.33 -7.04 8.97
C PHE A 536 -26.54 -7.97 9.04
N LEU A 537 -27.73 -7.45 8.71
CA LEU A 537 -28.91 -8.30 8.65
C LEU A 537 -28.75 -9.40 7.62
N GLU A 538 -28.23 -9.04 6.44
CA GLU A 538 -28.06 -10.03 5.39
C GLU A 538 -27.11 -11.14 5.80
N GLU A 539 -26.14 -10.84 6.65
CA GLU A 539 -25.07 -11.79 6.95
C GLU A 539 -25.33 -12.67 8.15
N VAL A 540 -25.61 -12.11 9.33
CA VAL A 540 -25.72 -12.93 10.53
C VAL A 540 -26.96 -12.66 11.36
N TYR A 541 -27.68 -11.54 11.18
CA TYR A 541 -28.75 -11.19 12.12
C TYR A 541 -30.10 -11.75 11.72
N TYR A 542 -30.51 -11.55 10.48
CA TYR A 542 -31.88 -11.90 10.10
C TYR A 542 -32.12 -13.39 10.36
N PRO A 543 -33.27 -13.76 10.94
CA PRO A 543 -33.46 -15.16 11.36
C PRO A 543 -34.04 -16.03 10.26
N ALA A 544 -33.75 -17.34 10.37
CA ALA A 544 -34.33 -18.35 9.48
C ALA A 544 -35.63 -18.83 10.10
N THR A 545 -36.67 -17.99 9.97
CA THR A 545 -37.96 -18.32 10.54
C THR A 545 -38.54 -19.57 9.91
N SER A 546 -38.45 -19.68 8.59
CA SER A 546 -39.04 -20.81 7.87
C SER A 546 -38.34 -22.12 8.25
N TYR A 564 -20.99 -18.58 0.25
CA TYR A 564 -21.62 -17.49 -0.48
C TYR A 564 -22.80 -18.04 -1.27
N GLU A 565 -23.97 -17.43 -1.11
CA GLU A 565 -25.19 -17.88 -1.75
C GLU A 565 -25.58 -16.91 -2.85
N GLY A 566 -26.73 -17.17 -3.47
CA GLY A 566 -27.23 -16.31 -4.52
C GLY A 566 -28.32 -15.37 -4.03
N LYS A 567 -29.34 -15.14 -4.85
CA LYS A 567 -30.44 -14.25 -4.51
C LYS A 567 -31.75 -14.94 -4.87
N PRO A 568 -32.83 -14.60 -4.15
CA PRO A 568 -34.11 -15.29 -4.40
C PRO A 568 -34.94 -14.62 -5.48
N ALA A 569 -36.12 -15.17 -5.74
CA ALA A 569 -37.08 -14.58 -6.66
C ALA A 569 -38.18 -13.89 -5.86
N LEU A 570 -38.41 -12.62 -6.14
CA LEU A 570 -39.36 -11.83 -5.39
C LEU A 570 -40.79 -12.13 -5.81
N SER A 571 -41.73 -11.72 -4.97
CA SER A 571 -43.14 -11.86 -5.25
C SER A 571 -43.66 -10.57 -5.90
N ALA A 572 -44.97 -10.49 -6.12
CA ALA A 572 -45.54 -9.29 -6.73
C ALA A 572 -45.55 -8.11 -5.76
N GLU A 573 -45.97 -8.35 -4.52
CA GLU A 573 -46.08 -7.26 -3.56
C GLU A 573 -44.72 -6.66 -3.23
N GLN A 574 -43.70 -7.50 -3.04
CA GLN A 574 -42.37 -7.00 -2.74
C GLN A 574 -41.81 -6.20 -3.90
N ILE A 575 -42.01 -6.68 -5.13
CA ILE A 575 -41.55 -5.94 -6.30
C ILE A 575 -42.27 -4.60 -6.39
N GLU A 576 -43.57 -4.58 -6.11
CA GLU A 576 -44.31 -3.33 -6.12
C GLU A 576 -43.75 -2.35 -5.09
N GLN A 577 -43.46 -2.86 -3.88
CA GLN A 577 -42.90 -2.00 -2.85
C GLN A 577 -41.55 -1.43 -3.28
N ILE A 578 -40.71 -2.27 -3.88
CA ILE A 578 -39.42 -1.79 -4.36
C ILE A 578 -39.61 -0.70 -5.41
N ARG A 579 -40.52 -0.93 -6.35
CA ARG A 579 -40.77 0.06 -7.39
C ARG A 579 -41.40 1.33 -6.86
N SER A 580 -42.02 1.27 -5.68
CA SER A 580 -42.67 2.43 -5.09
C SER A 580 -41.75 3.23 -4.18
N ALA A 581 -40.55 2.72 -3.89
CA ALA A 581 -39.64 3.45 -3.02
C ALA A 581 -39.00 4.61 -3.76
N PRO A 582 -38.53 5.63 -3.04
CA PRO A 582 -37.89 6.77 -3.70
C PRO A 582 -36.61 6.36 -4.40
N VAL A 583 -36.12 7.24 -5.26
CA VAL A 583 -34.98 6.92 -6.13
C VAL A 583 -33.77 6.56 -5.28
N GLY A 584 -33.47 7.39 -4.27
CA GLY A 584 -32.28 7.18 -3.46
C GLY A 584 -32.34 5.99 -2.53
N LEU A 585 -33.53 5.54 -2.16
CA LEU A 585 -33.70 4.40 -1.27
C LEU A 585 -34.01 3.11 -2.03
N ARG A 586 -34.03 3.16 -3.36
CA ARG A 586 -34.47 2.01 -4.14
C ARG A 586 -33.56 0.80 -3.93
N LYS A 587 -32.24 1.02 -3.90
CA LYS A 587 -31.31 -0.10 -3.83
C LYS A 587 -31.38 -0.80 -2.48
N VAL A 588 -31.36 -0.03 -1.39
CA VAL A 588 -31.44 -0.65 -0.07
C VAL A 588 -32.80 -1.31 0.12
N LYS A 589 -33.85 -0.70 -0.39
CA LYS A 589 -35.17 -1.34 -0.31
C LYS A 589 -35.17 -2.66 -1.07
N LYS A 590 -34.54 -2.70 -2.24
CA LYS A 590 -34.45 -3.93 -3.00
C LYS A 590 -33.69 -4.99 -2.22
N ARG A 591 -32.58 -4.62 -1.59
CA ARG A 591 -31.82 -5.57 -0.79
C ARG A 591 -32.65 -6.11 0.35
N GLN A 592 -33.35 -5.22 1.06
CA GLN A 592 -34.18 -5.65 2.18
C GLN A 592 -35.29 -6.59 1.72
N MET A 593 -35.93 -6.27 0.60
CA MET A 593 -37.03 -7.12 0.12
C MET A 593 -36.51 -8.46 -0.36
N ARG A 594 -35.35 -8.49 -1.01
CA ARG A 594 -34.77 -9.77 -1.40
C ARG A 594 -34.45 -10.62 -0.18
N LEU A 595 -33.89 -10.00 0.86
CA LEU A 595 -33.62 -10.74 2.09
C LEU A 595 -34.91 -11.26 2.71
N GLU A 596 -35.95 -10.43 2.73
CA GLU A 596 -37.23 -10.88 3.27
C GLU A 596 -37.78 -12.06 2.48
N ALA A 597 -37.72 -11.98 1.15
CA ALA A 597 -38.19 -13.08 0.32
C ALA A 597 -37.39 -14.35 0.60
N ALA A 598 -36.07 -14.22 0.72
CA ALA A 598 -35.25 -15.38 1.06
C ALA A 598 -35.68 -15.99 2.37
N ARG A 599 -36.03 -15.16 3.36
CA ARG A 599 -36.57 -15.71 4.60
C ARG A 599 -37.89 -16.44 4.35
N GLN A 600 -38.76 -15.85 3.53
CA GLN A 600 -40.06 -16.46 3.25
C GLN A 600 -39.93 -17.80 2.53
N GLN A 601 -38.87 -17.99 1.75
CA GLN A 601 -38.71 -19.19 0.93
C GLN A 601 -37.71 -20.16 1.53
N ASN A 602 -37.38 -20.00 2.82
CA ASN A 602 -36.41 -20.87 3.50
C ASN A 602 -35.06 -20.85 2.79
N LEU A 603 -34.77 -19.76 2.07
CA LEU A 603 -33.50 -19.58 1.39
C LEU A 603 -32.49 -18.82 2.24
N LEU A 604 -32.82 -18.50 3.50
CA LEU A 604 -31.91 -17.80 4.38
C LEU A 604 -31.32 -18.81 5.35
N PRO A 605 -30.04 -19.19 5.20
CA PRO A 605 -29.49 -20.24 6.08
C PRO A 605 -29.45 -19.80 7.53
N ARG A 606 -29.58 -20.77 8.43
CA ARG A 606 -29.43 -20.51 9.85
C ARG A 606 -28.02 -20.03 10.13
N TYR A 607 -27.90 -18.98 10.94
CA TYR A 607 -26.64 -18.28 11.13
C TYR A 607 -25.97 -18.55 12.46
N THR A 608 -26.47 -19.50 13.25
CA THR A 608 -25.84 -19.90 14.50
C THR A 608 -25.30 -18.68 15.24
N TRP A 609 -26.20 -17.80 15.68
CA TRP A 609 -25.83 -16.49 16.20
C TRP A 609 -24.59 -16.53 17.09
N GLY A 610 -24.64 -17.30 18.18
CA GLY A 610 -23.51 -17.43 19.07
C GLY A 610 -23.32 -16.31 20.06
N LYS A 611 -23.71 -15.08 19.71
CA LYS A 611 -23.66 -13.95 20.63
C LYS A 611 -22.24 -13.71 21.13
N ASP A 612 -21.34 -13.47 20.18
CA ASP A 612 -19.94 -13.15 20.46
C ASP A 612 -19.50 -11.98 19.60
N PHE A 613 -20.37 -10.98 19.47
CA PHE A 613 -20.13 -9.82 18.64
C PHE A 613 -19.81 -8.63 19.53
N ASN A 614 -18.73 -7.92 19.20
CA ASN A 614 -18.29 -6.76 19.95
C ASN A 614 -18.81 -5.47 19.31
N ILE A 615 -19.18 -4.53 20.17
CA ILE A 615 -19.77 -3.26 19.76
C ILE A 615 -18.75 -2.17 20.04
N ASN A 616 -18.47 -1.33 19.03
CA ASN A 616 -17.49 -0.24 19.13
C ASN A 616 -18.22 1.08 18.88
N ILE A 617 -18.37 1.87 19.94
CA ILE A 617 -19.13 3.12 19.88
C ILE A 617 -18.14 4.27 19.97
N CYS A 618 -17.97 5.00 18.87
CA CYS A 618 -17.08 6.15 18.80
C CYS A 618 -17.91 7.40 18.58
N LYS A 619 -17.81 8.35 19.50
CA LYS A 619 -18.53 9.62 19.40
C LYS A 619 -17.56 10.69 18.91
N ARG A 620 -17.75 11.14 17.68
CA ARG A 620 -16.90 12.21 17.14
C ARG A 620 -17.47 13.58 17.48
N GLY A 621 -18.69 13.86 17.00
CA GLY A 621 -19.36 15.11 17.30
C GLY A 621 -20.62 14.90 18.11
N ASN A 622 -21.78 15.09 17.47
CA ASN A 622 -23.06 14.78 18.06
C ASN A 622 -23.64 13.48 17.51
N ASN A 623 -22.82 12.66 16.85
CA ASN A 623 -23.29 11.45 16.19
C ASN A 623 -22.37 10.29 16.55
N PHE A 624 -22.93 9.09 16.47
CA PHE A 624 -22.23 7.85 16.80
C PHE A 624 -22.01 7.03 15.54
N GLU A 625 -21.07 6.09 15.62
CA GLU A 625 -20.70 5.23 14.50
C GLU A 625 -20.44 3.82 14.99
N VAL A 626 -21.45 3.22 15.63
CA VAL A 626 -21.33 1.84 16.10
C VAL A 626 -20.85 0.96 14.94
N THR A 627 -20.14 -0.12 15.28
CA THR A 627 -19.48 -0.95 14.28
C THR A 627 -19.90 -2.41 14.31
N LEU A 628 -20.16 -2.98 15.49
CA LEU A 628 -20.54 -4.38 15.63
C LEU A 628 -19.44 -5.31 15.11
N ALA A 629 -18.30 -5.27 15.81
CA ALA A 629 -17.20 -6.15 15.48
C ALA A 629 -17.51 -7.59 15.90
N THR A 630 -16.73 -8.52 15.37
CA THR A 630 -16.93 -9.94 15.64
C THR A 630 -15.62 -10.69 15.42
N LYS A 631 -15.43 -11.78 16.18
CA LYS A 631 -14.25 -12.61 16.02
C LYS A 631 -14.46 -13.66 14.94
N VAL A 632 -13.37 -14.06 14.28
CA VAL A 632 -13.36 -15.13 13.30
C VAL A 632 -12.16 -16.02 13.60
N LYS A 633 -12.42 -17.32 13.69
CA LYS A 633 -11.38 -18.30 13.99
C LYS A 633 -11.17 -19.19 12.76
N LYS A 634 -9.92 -19.56 12.52
CA LYS A 634 -9.54 -20.27 11.30
C LYS A 634 -8.95 -21.64 11.56
N LYS A 635 -8.02 -21.76 12.50
CA LYS A 635 -7.31 -23.02 12.76
C LYS A 635 -6.60 -23.50 11.49
N LYS A 636 -5.64 -22.70 11.05
CA LYS A 636 -4.99 -22.93 9.78
C LYS A 636 -4.32 -24.31 9.75
N GLU A 637 -4.33 -24.92 8.57
CA GLU A 637 -3.69 -26.21 8.33
C GLU A 637 -2.61 -26.06 7.28
N LYS A 638 -1.54 -26.84 7.42
CA LYS A 638 -0.39 -26.75 6.53
C LYS A 638 -0.39 -27.77 5.41
N ASN A 639 -1.19 -28.84 5.51
CA ASN A 639 -1.21 -29.89 4.50
C ASN A 639 -1.97 -29.36 3.28
N TYR A 640 -1.26 -28.57 2.47
CA TYR A 640 -1.84 -28.00 1.28
C TYR A 640 -1.93 -29.04 0.16
N LYS A 641 -2.75 -28.73 -0.85
CA LYS A 641 -2.87 -29.57 -2.03
C LYS A 641 -2.84 -28.79 -3.34
N VAL A 642 -2.99 -27.47 -3.30
CA VAL A 642 -2.96 -26.64 -4.50
C VAL A 642 -2.20 -25.36 -4.19
N VAL A 643 -1.64 -24.77 -5.24
CA VAL A 643 -0.94 -23.49 -5.17
C VAL A 643 -1.55 -22.58 -6.21
N LEU A 644 -2.12 -21.46 -5.77
CA LEU A 644 -2.87 -20.56 -6.64
C LEU A 644 -2.13 -19.23 -6.71
N GLY A 645 -1.18 -19.12 -7.62
CA GLY A 645 -0.43 -17.89 -7.74
C GLY A 645 -1.18 -16.84 -8.55
N TYR A 646 -0.80 -15.59 -8.35
CA TYR A 646 -1.31 -14.49 -9.16
C TYR A 646 -0.27 -13.39 -9.22
N ASP A 647 -0.01 -12.91 -10.43
CA ASP A 647 1.11 -12.01 -10.67
C ASP A 647 0.86 -10.60 -10.17
N ALA A 648 -0.39 -10.14 -10.15
CA ALA A 648 -0.73 -8.80 -9.70
C ALA A 648 0.04 -7.75 -10.49
N ASN A 649 -0.09 -7.83 -11.81
CA ASN A 649 0.50 -6.82 -12.66
C ASN A 649 -0.17 -5.46 -12.41
N ILE A 650 0.35 -4.45 -13.10
CA ILE A 650 -0.18 -3.09 -12.95
C ILE A 650 -1.19 -2.82 -14.05
N VAL A 651 -0.73 -2.90 -15.30
CA VAL A 651 -1.57 -2.56 -16.46
C VAL A 651 -1.80 -3.75 -17.37
N ARG A 652 -1.48 -4.97 -16.96
CA ARG A 652 -1.61 -6.12 -17.84
C ARG A 652 -2.53 -7.18 -17.26
N LYS A 653 -3.68 -6.76 -16.72
CA LYS A 653 -4.80 -7.65 -16.45
C LYS A 653 -4.38 -8.81 -15.52
N ASN A 654 -4.01 -8.43 -14.30
CA ASN A 654 -3.59 -9.39 -13.28
C ASN A 654 -4.35 -10.70 -13.40
N THR A 655 -3.61 -11.81 -13.40
CA THR A 655 -4.16 -13.13 -13.63
C THR A 655 -3.80 -14.07 -12.49
N TYR A 656 -4.45 -15.24 -12.51
CA TYR A 656 -4.22 -16.29 -11.54
C TYR A 656 -3.95 -17.61 -12.27
N ALA A 657 -3.31 -18.53 -11.56
CA ALA A 657 -2.95 -19.84 -12.12
C ALA A 657 -2.78 -20.82 -10.99
N ALA A 658 -3.38 -22.00 -11.12
CA ALA A 658 -3.35 -23.01 -10.08
C ALA A 658 -2.45 -24.18 -10.48
N ILE A 659 -1.87 -24.83 -9.47
CA ILE A 659 -0.99 -25.97 -9.67
C ILE A 659 -1.31 -27.01 -8.60
N GLU A 660 -1.46 -28.26 -9.01
CA GLU A 660 -1.73 -29.32 -8.06
C GLU A 660 -0.45 -29.74 -7.35
N ALA A 661 -0.63 -30.41 -6.20
CA ALA A 661 0.49 -30.82 -5.36
C ALA A 661 0.92 -32.26 -5.61
N HIS A 662 -0.03 -33.19 -5.63
CA HIS A 662 0.25 -34.61 -5.81
C HIS A 662 -0.59 -35.17 -6.96
N ALA A 663 -0.61 -34.46 -8.07
CA ALA A 663 -1.44 -34.86 -9.20
C ALA A 663 -1.05 -36.25 -9.69
N ASN A 664 -2.07 -37.02 -10.07
CA ASN A 664 -1.86 -38.36 -10.62
C ASN A 664 -2.84 -38.53 -11.77
N GLY A 665 -2.39 -38.20 -12.97
CA GLY A 665 -3.23 -38.30 -14.15
C GLY A 665 -2.42 -38.30 -15.44
N ASP A 666 -2.99 -37.75 -16.51
CA ASP A 666 -2.31 -37.74 -17.80
C ASP A 666 -1.04 -36.90 -17.73
N GLY A 667 -1.15 -35.68 -17.19
CA GLY A 667 0.00 -34.79 -17.09
C GLY A 667 0.46 -34.58 -15.66
N VAL A 668 1.59 -35.17 -15.30
CA VAL A 668 2.16 -35.05 -13.96
C VAL A 668 3.64 -34.72 -14.14
N ILE A 669 3.97 -33.43 -14.09
CA ILE A 669 5.35 -33.01 -14.29
C ILE A 669 6.11 -33.16 -12.98
N ASP A 670 7.21 -33.91 -13.02
CA ASP A 670 8.07 -34.05 -11.84
C ASP A 670 9.04 -32.88 -11.82
N TYR A 671 8.70 -31.85 -11.05
CA TYR A 671 9.50 -30.64 -11.01
C TYR A 671 10.91 -30.96 -10.52
N ASN A 672 11.04 -31.32 -9.23
CA ASN A 672 12.27 -31.90 -8.73
C ASN A 672 11.99 -33.30 -8.21
N ASP A 673 11.00 -33.39 -7.30
CA ASP A 673 10.54 -34.66 -6.78
C ASP A 673 9.04 -34.73 -6.56
N LEU A 674 8.34 -33.61 -6.55
CA LEU A 674 6.91 -33.59 -6.25
C LEU A 674 6.11 -33.66 -7.55
N PRO A 675 5.19 -34.63 -7.70
CA PRO A 675 4.35 -34.69 -8.91
C PRO A 675 3.32 -33.56 -8.91
N VAL A 676 3.45 -32.65 -9.88
CA VAL A 676 2.58 -31.50 -9.98
C VAL A 676 1.96 -31.47 -11.37
N LYS A 677 0.81 -30.78 -11.47
CA LYS A 677 0.07 -30.70 -12.72
C LYS A 677 -0.57 -29.32 -12.83
N PRO A 678 -0.46 -28.66 -13.98
CA PRO A 678 -1.17 -27.39 -14.16
C PRO A 678 -2.68 -27.62 -14.13
N ILE A 679 -3.34 -27.09 -13.09
CA ILE A 679 -4.77 -27.30 -12.95
C ILE A 679 -5.53 -26.41 -13.93
N GLU A 680 -5.25 -25.12 -13.91
CA GLU A 680 -5.88 -24.18 -14.83
C GLU A 680 -5.23 -22.82 -14.63
N SER A 681 -5.66 -21.85 -15.43
CA SER A 681 -5.11 -20.49 -15.32
C SER A 681 -5.97 -19.52 -16.12
N GLY A 682 -6.49 -18.44 -15.52
CA GLY A 682 -7.36 -17.47 -16.22
C GLY A 682 -7.17 -16.07 -15.67
N PHE A 683 -7.79 -15.05 -16.25
CA PHE A 683 -7.63 -13.64 -15.81
C PHE A 683 -8.65 -13.30 -14.72
N VAL A 684 -8.33 -12.33 -13.85
CA VAL A 684 -9.24 -11.87 -12.81
C VAL A 684 -10.16 -10.84 -13.45
N THR A 685 -11.35 -11.29 -13.83
CA THR A 685 -12.35 -10.44 -14.46
C THR A 685 -13.59 -10.38 -13.59
N VAL A 686 -14.06 -9.16 -13.31
CA VAL A 686 -15.23 -8.94 -12.47
C VAL A 686 -16.37 -8.48 -13.38
N GLU A 687 -17.47 -9.22 -13.35
CA GLU A 687 -18.58 -9.01 -14.28
C GLU A 687 -19.59 -8.05 -13.68
N SER A 688 -19.77 -6.92 -14.35
CA SER A 688 -20.84 -5.98 -14.05
C SER A 688 -21.86 -6.11 -15.17
N GLN A 689 -23.05 -6.59 -14.85
CA GLN A 689 -24.05 -6.92 -15.87
C GLN A 689 -24.87 -5.67 -16.18
N VAL A 690 -24.52 -5.01 -17.28
CA VAL A 690 -25.36 -3.96 -17.84
C VAL A 690 -26.56 -4.66 -18.46
N ARG A 691 -27.55 -3.89 -18.90
CA ARG A 691 -28.83 -4.43 -19.37
C ARG A 691 -28.68 -5.73 -20.15
N ASP A 692 -27.74 -5.77 -21.10
CA ASP A 692 -27.53 -6.95 -21.93
C ASP A 692 -26.08 -7.40 -22.02
N LYS A 693 -25.11 -6.50 -21.89
CA LYS A 693 -23.70 -6.86 -21.94
C LYS A 693 -23.18 -7.16 -20.55
N SER A 694 -21.87 -7.40 -20.46
CA SER A 694 -21.20 -7.67 -19.20
C SER A 694 -19.81 -7.03 -19.25
N TYR A 695 -19.60 -5.93 -18.52
CA TYR A 695 -18.30 -5.25 -18.54
C TYR A 695 -17.43 -5.80 -17.43
N ASP A 696 -16.13 -5.56 -17.58
CA ASP A 696 -15.11 -5.90 -16.60
C ASP A 696 -14.63 -4.59 -15.98
N GLN A 697 -15.03 -4.36 -14.73
CA GLN A 697 -14.65 -3.11 -14.06
C GLN A 697 -13.15 -2.92 -14.08
N LEU A 698 -12.40 -3.99 -13.83
CA LEU A 698 -10.95 -3.89 -13.74
C LEU A 698 -10.28 -3.62 -15.08
N SER A 699 -10.97 -3.87 -16.20
CA SER A 699 -10.32 -3.73 -17.50
C SER A 699 -11.23 -3.13 -18.57
N TYR A 700 -12.39 -2.57 -18.20
CA TYR A 700 -13.29 -2.03 -19.21
C TYR A 700 -12.63 -0.87 -19.95
N ASN A 701 -11.93 -0.01 -19.24
CA ASN A 701 -11.19 1.12 -19.80
C ASN A 701 -12.08 2.14 -20.49
N GLY A 702 -13.39 2.04 -20.33
CA GLY A 702 -14.31 3.00 -20.92
C GLY A 702 -14.86 2.56 -22.26
N VAL A 703 -15.94 3.23 -22.67
CA VAL A 703 -16.57 2.98 -23.96
C VAL A 703 -15.62 3.44 -25.05
N LYS A 704 -15.85 2.98 -26.28
CA LYS A 704 -14.93 3.20 -27.40
C LYS A 704 -15.22 4.51 -28.13
N LEU A 705 -16.04 5.38 -27.56
CA LEU A 705 -16.39 6.70 -28.10
C LEU A 705 -17.26 6.63 -29.35
N LEU A 706 -17.55 5.43 -29.87
CA LEU A 706 -18.43 5.34 -31.02
C LEU A 706 -19.85 5.77 -30.70
N TYR A 707 -20.21 5.87 -29.41
CA TYR A 707 -21.53 6.28 -29.00
C TYR A 707 -21.50 7.59 -28.21
N CYS A 708 -20.31 8.12 -27.92
CA CYS A 708 -20.15 9.44 -27.32
C CYS A 708 -19.84 10.49 -28.37
N LYS A 709 -20.20 10.22 -29.62
CA LYS A 709 -19.88 11.14 -30.71
C LYS A 709 -20.35 12.57 -30.45
N PRO A 710 -21.58 12.83 -30.00
CA PRO A 710 -22.00 14.23 -29.83
C PRO A 710 -21.12 15.02 -28.89
N HIS A 711 -20.65 14.41 -27.80
CA HIS A 711 -19.79 15.12 -26.87
C HIS A 711 -18.49 15.54 -27.53
N VAL A 712 -17.83 14.61 -28.22
CA VAL A 712 -16.57 14.93 -28.88
C VAL A 712 -16.78 15.97 -29.97
N GLU A 713 -17.88 15.84 -30.73
CA GLU A 713 -18.16 16.82 -31.77
C GLU A 713 -18.37 18.20 -31.19
N SER A 714 -19.11 18.30 -30.08
CA SER A 714 -19.33 19.60 -29.45
C SER A 714 -18.02 20.19 -28.95
N ARG A 715 -17.17 19.35 -28.35
CA ARG A 715 -15.87 19.81 -27.80
C ARG A 715 -15.00 20.30 -28.95
N ARG A 716 -14.99 19.58 -30.08
CA ARG A 716 -14.19 19.98 -31.23
C ARG A 716 -14.70 21.28 -31.83
N SER A 717 -16.03 21.41 -31.95
CA SER A 717 -16.59 22.64 -32.50
C SER A 717 -16.26 23.83 -31.62
N PHE A 718 -16.37 23.67 -30.30
CA PHE A 718 -16.05 24.76 -29.38
C PHE A 718 -14.58 25.14 -29.47
N LEU A 719 -13.68 24.14 -29.54
CA LEU A 719 -12.26 24.43 -29.57
C LEU A 719 -11.81 24.98 -30.91
N GLU A 720 -12.56 24.69 -31.98
CA GLU A 720 -12.17 25.17 -33.30
C GLU A 720 -12.20 26.70 -33.37
N LYS A 721 -13.02 27.34 -32.53
CA LYS A 721 -13.14 28.79 -32.58
C LYS A 721 -11.81 29.48 -32.30
N TYR A 722 -10.92 28.83 -31.55
CA TYR A 722 -9.62 29.38 -31.19
C TYR A 722 -8.56 28.40 -31.69
N ASN A 723 -8.16 28.54 -32.94
CA ASN A 723 -7.18 27.65 -33.55
C ASN A 723 -7.59 26.19 -33.37
N MET A 739 -4.42 20.13 -35.70
CA MET A 739 -5.18 19.42 -34.69
C MET A 739 -4.98 17.91 -34.81
N LYS A 740 -3.79 17.52 -35.27
CA LYS A 740 -3.49 16.10 -35.43
C LYS A 740 -3.53 15.36 -34.10
N ASP A 741 -3.03 15.97 -33.02
CA ASP A 741 -3.08 15.33 -31.72
C ASP A 741 -4.50 15.07 -31.25
N PHE A 742 -5.40 16.03 -31.49
CA PHE A 742 -6.80 15.86 -31.08
C PHE A 742 -7.43 14.68 -31.80
N GLU A 743 -7.20 14.57 -33.11
CA GLU A 743 -7.77 13.48 -33.88
C GLU A 743 -7.11 12.14 -33.57
N ALA A 744 -5.83 12.15 -33.19
CA ALA A 744 -5.13 10.92 -32.84
C ALA A 744 -5.70 10.23 -31.62
N ILE A 745 -6.51 10.93 -30.82
CA ILE A 745 -7.11 10.36 -29.63
C ILE A 745 -8.62 10.24 -29.73
N ALA A 746 -9.24 10.79 -30.77
CA ALA A 746 -10.69 10.82 -30.90
C ALA A 746 -11.22 9.72 -31.82
N ASP A 747 -10.41 8.68 -32.06
CA ASP A 747 -10.85 7.59 -32.92
C ASP A 747 -12.05 6.87 -32.29
N ASP A 748 -12.91 6.33 -33.15
CA ASP A 748 -14.08 5.59 -32.69
C ASP A 748 -13.72 4.28 -32.02
N GLU A 749 -12.46 3.85 -32.10
CA GLU A 749 -11.99 2.71 -31.33
C GLU A 749 -11.25 3.11 -30.05
N THR A 750 -10.84 4.37 -29.94
CA THR A 750 -10.18 4.84 -28.73
C THR A 750 -11.11 4.71 -27.54
N SER A 751 -10.57 4.27 -26.41
CA SER A 751 -11.35 4.13 -25.20
C SER A 751 -11.71 5.50 -24.64
N LEU A 752 -12.88 5.56 -23.98
CA LEU A 752 -13.34 6.84 -23.45
C LEU A 752 -12.39 7.38 -22.39
N TYR A 753 -11.93 6.53 -21.48
CA TYR A 753 -11.05 6.98 -20.42
C TYR A 753 -9.69 7.42 -20.95
N TYR A 754 -9.15 6.75 -21.97
CA TYR A 754 -7.92 7.23 -22.59
C TYR A 754 -8.13 8.62 -23.18
N PHE A 755 -9.26 8.84 -23.86
CA PHE A 755 -9.55 10.16 -24.39
C PHE A 755 -9.64 11.19 -23.27
N ASN A 756 -10.28 10.82 -22.16
CA ASN A 756 -10.40 11.76 -21.05
C ASN A 756 -9.03 12.10 -20.47
N MET A 757 -8.16 11.10 -20.32
CA MET A 757 -6.82 11.37 -19.80
C MET A 757 -6.04 12.27 -20.74
N LYS A 758 -6.11 11.99 -22.04
CA LYS A 758 -5.39 12.82 -23.01
C LYS A 758 -5.94 14.24 -23.01
N TYR A 759 -7.25 14.39 -22.90
CA TYR A 759 -7.85 15.71 -22.84
C TYR A 759 -7.44 16.45 -21.57
N CYS A 760 -7.35 15.74 -20.45
CA CYS A 760 -6.87 16.36 -19.22
C CYS A 760 -5.44 16.86 -19.39
N LYS A 761 -4.57 16.05 -19.99
CA LYS A 761 -3.20 16.48 -20.20
C LYS A 761 -3.13 17.67 -21.15
N LEU A 762 -3.95 17.65 -22.21
CA LEU A 762 -3.96 18.76 -23.15
C LEU A 762 -4.40 20.05 -22.48
N LEU A 763 -5.46 19.97 -21.66
CA LEU A 763 -5.91 21.16 -20.95
C LEU A 763 -4.87 21.62 -19.93
N GLN A 764 -4.18 20.68 -19.29
CA GLN A 764 -3.10 21.04 -18.39
C GLN A 764 -2.03 21.83 -19.11
N SER A 765 -1.62 21.34 -20.28
CA SER A 765 -0.62 22.04 -21.08
C SER A 765 -1.11 23.41 -21.51
N SER A 766 -2.38 23.50 -21.92
CA SER A 766 -2.92 24.79 -22.36
C SER A 766 -2.93 25.78 -21.21
N ILE A 767 -3.36 25.35 -20.02
CA ILE A 767 -3.39 26.23 -18.86
C ILE A 767 -1.97 26.67 -18.51
N ARG A 768 -1.00 25.76 -18.64
CA ARG A 768 0.39 26.18 -18.48
C ARG A 768 0.75 27.26 -19.49
N ASN A 769 0.31 27.10 -20.73
CA ASN A 769 0.56 28.12 -21.75
C ASN A 769 -0.22 29.38 -21.44
N HIS A 770 -1.52 29.24 -21.17
CA HIS A 770 -2.37 30.38 -20.84
C HIS A 770 -2.51 30.49 -19.32
N SER A 771 -1.37 30.79 -18.68
CA SER A 771 -1.32 30.82 -17.23
C SER A 771 -2.23 31.90 -16.65
N SER A 772 -2.25 33.08 -17.27
CA SER A 772 -2.94 34.23 -16.73
C SER A 772 -4.47 34.10 -16.76
N GLN A 773 -5.01 33.10 -17.46
CA GLN A 773 -6.45 32.96 -17.59
C GLN A 773 -6.90 31.53 -17.27
N ALA A 774 -6.36 30.96 -16.19
CA ALA A 774 -6.75 29.61 -15.80
C ALA A 774 -8.20 29.54 -15.33
N LYS A 775 -8.72 30.62 -14.74
CA LYS A 775 -10.09 30.60 -14.23
C LYS A 775 -11.12 30.40 -15.34
N GLU A 776 -10.86 30.93 -16.54
CA GLU A 776 -11.85 30.86 -17.61
C GLU A 776 -12.24 29.43 -17.95
N TYR A 777 -11.34 28.47 -17.75
CA TYR A 777 -11.63 27.08 -18.07
C TYR A 777 -12.26 26.32 -16.92
N ARG A 778 -12.45 26.94 -15.75
CA ARG A 778 -12.94 26.20 -14.59
C ARG A 778 -14.24 25.48 -14.91
N GLU A 779 -15.18 26.14 -15.59
CA GLU A 779 -16.42 25.49 -15.96
C GLU A 779 -16.15 24.18 -16.70
N GLU A 780 -15.28 24.22 -17.70
CA GLU A 780 -14.92 23.00 -18.41
C GLU A 780 -14.54 21.91 -17.44
N ILE A 781 -13.69 22.23 -16.46
CA ILE A 781 -13.26 21.23 -15.49
C ILE A 781 -14.48 20.58 -14.84
N PHE A 782 -15.43 21.40 -14.37
CA PHE A 782 -16.65 20.84 -13.82
C PHE A 782 -17.33 19.94 -14.85
N GLU A 783 -17.56 20.48 -16.05
CA GLU A 783 -18.22 19.69 -17.08
C GLU A 783 -17.41 18.46 -17.44
N LEU A 784 -16.12 18.44 -17.11
CA LEU A 784 -15.26 17.31 -17.42
C LEU A 784 -15.19 16.30 -16.29
N LEU A 785 -15.57 16.68 -15.07
CA LEU A 785 -15.29 15.85 -13.90
C LEU A 785 -16.53 15.45 -13.11
N ARG A 786 -17.43 16.39 -12.81
CA ARG A 786 -18.60 16.08 -11.97
C ARG A 786 -19.91 16.19 -12.73
N ASP A 787 -20.20 17.33 -13.34
CA ASP A 787 -21.54 17.58 -13.84
C ASP A 787 -21.83 16.80 -15.12
N GLY A 788 -20.88 16.75 -16.04
CA GLY A 788 -21.13 16.13 -17.32
C GLY A 788 -21.49 14.67 -17.21
N LYS A 789 -22.36 14.23 -18.13
CA LYS A 789 -22.72 12.81 -18.18
C LYS A 789 -21.50 11.95 -18.48
N LEU A 790 -20.65 12.40 -19.39
CA LEU A 790 -19.38 11.72 -19.69
C LEU A 790 -18.30 12.40 -18.85
N SER A 791 -18.30 12.08 -17.56
CA SER A 791 -17.43 12.71 -16.59
C SER A 791 -16.70 11.65 -15.77
N VAL A 792 -15.62 12.08 -15.11
CA VAL A 792 -14.81 11.14 -14.33
C VAL A 792 -15.59 10.61 -13.15
N LEU A 793 -16.34 11.47 -12.46
CA LEU A 793 -17.13 11.03 -11.31
C LEU A 793 -18.36 10.21 -11.71
N LYS A 794 -19.04 10.62 -12.78
CA LYS A 794 -20.23 9.89 -13.21
C LYS A 794 -19.88 8.57 -13.88
N LEU A 795 -18.71 8.49 -14.51
CA LEU A 795 -18.37 7.33 -15.34
C LEU A 795 -16.89 7.03 -15.15
N SER A 796 -16.58 5.90 -14.54
CA SER A 796 -15.20 5.50 -14.30
C SER A 796 -15.16 4.03 -13.91
N SER A 797 -14.11 3.34 -14.33
CA SER A 797 -13.91 1.93 -14.02
C SER A 797 -12.77 1.79 -13.02
N LEU A 798 -12.39 0.55 -12.72
CA LEU A 798 -11.27 0.26 -11.84
C LEU A 798 -9.97 -0.02 -12.58
N SER A 799 -9.96 0.08 -13.90
CA SER A 799 -8.75 -0.21 -14.66
C SER A 799 -7.68 0.85 -14.36
N ASN A 800 -6.42 0.43 -14.48
CA ASN A 800 -5.31 1.33 -14.17
C ASN A 800 -5.41 2.60 -14.98
N LEU A 801 -5.98 2.52 -16.19
CA LEU A 801 -6.21 3.73 -16.98
C LEU A 801 -7.08 4.71 -16.22
N SER A 802 -8.08 4.21 -15.50
CA SER A 802 -8.96 5.07 -14.72
C SER A 802 -8.21 5.78 -13.58
N PHE A 803 -7.34 5.09 -12.87
CA PHE A 803 -6.53 5.74 -11.84
C PHE A 803 -5.56 6.75 -12.44
N VAL A 804 -5.01 6.46 -13.61
CA VAL A 804 -4.18 7.46 -14.29
C VAL A 804 -5.01 8.68 -14.63
N MET A 805 -6.25 8.47 -15.09
CA MET A 805 -7.15 9.60 -15.37
C MET A 805 -7.40 10.43 -14.12
N PHE A 806 -7.66 9.76 -13.00
CA PHE A 806 -7.88 10.48 -11.75
C PHE A 806 -6.64 11.25 -11.33
N LYS A 807 -5.46 10.66 -11.49
CA LYS A 807 -4.23 11.34 -11.10
C LYS A 807 -3.99 12.56 -11.96
N VAL A 808 -4.24 12.44 -13.27
CA VAL A 808 -4.06 13.61 -14.12
C VAL A 808 -5.12 14.67 -13.82
N ALA A 809 -6.32 14.26 -13.38
CA ALA A 809 -7.32 15.23 -12.96
C ALA A 809 -6.84 15.98 -11.72
N LYS A 810 -6.26 15.27 -10.76
CA LYS A 810 -5.74 15.93 -9.57
C LYS A 810 -4.61 16.88 -9.94
N SER A 811 -3.73 16.46 -10.87
CA SER A 811 -2.68 17.35 -11.33
C SER A 811 -3.26 18.57 -12.03
N LEU A 812 -4.34 18.38 -12.78
CA LEU A 812 -5.00 19.49 -13.45
C LEU A 812 -5.52 20.50 -12.42
N ILE A 813 -6.16 20.01 -11.36
CA ILE A 813 -6.64 20.90 -10.31
C ILE A 813 -5.47 21.62 -9.64
N GLY A 814 -4.38 20.89 -9.39
CA GLY A 814 -3.23 21.51 -8.77
C GLY A 814 -2.65 22.63 -9.61
N THR A 815 -2.47 22.38 -10.91
CA THR A 815 -1.93 23.42 -11.79
C THR A 815 -2.92 24.57 -11.95
N TYR A 816 -4.22 24.27 -11.93
CA TYR A 816 -5.20 25.34 -11.97
C TYR A 816 -5.06 26.26 -10.77
N PHE A 817 -4.93 25.68 -9.58
CA PHE A 817 -4.70 26.50 -8.39
C PHE A 817 -3.39 27.26 -8.48
N GLY A 818 -2.33 26.61 -8.97
CA GLY A 818 -1.05 27.28 -9.07
C GLY A 818 -1.07 28.48 -10.01
N HIS A 819 -1.74 28.34 -11.16
CA HIS A 819 -1.84 29.43 -12.11
C HIS A 819 -2.84 30.50 -11.70
N LEU A 820 -3.89 30.12 -10.97
CA LEU A 820 -4.87 31.09 -10.52
C LEU A 820 -4.40 31.87 -9.29
N LEU A 821 -3.35 31.41 -8.61
CA LEU A 821 -2.87 32.03 -7.39
C LEU A 821 -1.42 32.50 -7.49
N LYS A 822 -0.89 32.67 -8.70
CA LYS A 822 0.48 33.13 -8.89
C LYS A 822 0.47 34.58 -9.39
N LYS A 823 1.32 35.40 -8.79
CA LYS A 823 1.44 36.80 -9.18
C LYS A 823 2.22 36.93 -10.48
N ALA A 833 6.72 36.50 -0.92
CA ALA A 833 5.98 35.44 -1.58
C ALA A 833 5.54 34.38 -0.57
N PRO A 834 4.55 34.71 0.25
CA PRO A 834 4.08 33.74 1.25
C PRO A 834 3.55 32.50 0.55
N PRO A 835 3.65 31.34 1.21
CA PRO A 835 3.20 30.10 0.57
C PRO A 835 1.70 30.11 0.33
N ILE A 836 1.29 29.40 -0.72
CA ILE A 836 -0.12 29.29 -1.07
C ILE A 836 -0.76 28.20 -0.23
N THR A 837 -1.27 28.58 0.93
CA THR A 837 -1.88 27.62 1.84
C THR A 837 -3.21 27.12 1.26
N ASP A 838 -3.62 25.94 1.72
CA ASP A 838 -4.88 25.37 1.26
C ASP A 838 -6.04 26.31 1.51
N GLU A 839 -5.99 27.07 2.60
CA GLU A 839 -7.07 27.99 2.92
C GLU A 839 -7.20 29.08 1.85
N ASP A 840 -6.07 29.60 1.36
CA ASP A 840 -6.13 30.66 0.36
C ASP A 840 -6.77 30.16 -0.92
N LYS A 841 -6.38 28.97 -1.39
CA LYS A 841 -7.00 28.43 -2.59
C LYS A 841 -8.46 28.10 -2.36
N GLN A 842 -8.81 27.58 -1.19
CA GLN A 842 -10.21 27.30 -0.89
C GLN A 842 -11.04 28.58 -0.95
N LYS A 843 -10.53 29.66 -0.37
CA LYS A 843 -11.26 30.93 -0.38
C LYS A 843 -11.31 31.53 -1.78
N ALA A 844 -10.26 31.35 -2.58
CA ALA A 844 -10.27 31.90 -3.93
C ALA A 844 -11.38 31.29 -4.77
N ASP A 845 -11.57 29.98 -4.66
CA ASP A 845 -12.64 29.27 -5.37
C ASP A 845 -13.07 28.07 -4.54
N PRO A 846 -13.96 28.28 -3.56
CA PRO A 846 -14.39 27.14 -2.73
C PRO A 846 -14.99 26.01 -3.55
N GLU A 847 -15.65 26.32 -4.66
CA GLU A 847 -16.24 25.26 -5.48
C GLU A 847 -15.17 24.35 -6.05
N MET A 848 -14.06 24.91 -6.53
CA MET A 848 -12.98 24.09 -7.06
C MET A 848 -12.36 23.21 -5.99
N PHE A 849 -12.16 23.75 -4.79
CA PHE A 849 -11.60 22.95 -3.71
C PHE A 849 -12.57 21.84 -3.30
N ALA A 850 -13.87 22.14 -3.27
CA ALA A 850 -14.85 21.10 -2.98
C ALA A 850 -14.81 20.01 -4.04
N LEU A 851 -14.65 20.41 -5.31
CA LEU A 851 -14.53 19.42 -6.38
C LEU A 851 -13.28 18.56 -6.18
N ARG A 852 -12.17 19.17 -5.77
CA ARG A 852 -10.96 18.41 -5.52
C ARG A 852 -11.17 17.41 -4.39
N LEU A 853 -11.83 17.84 -3.32
CA LEU A 853 -12.11 16.92 -2.22
C LEU A 853 -13.01 15.78 -2.69
N ALA A 854 -14.01 16.10 -3.51
CA ALA A 854 -14.88 15.07 -4.05
C ALA A 854 -14.10 14.06 -4.87
N LEU A 855 -13.19 14.54 -5.72
CA LEU A 855 -12.36 13.63 -6.51
C LEU A 855 -11.49 12.77 -5.61
N GLU A 856 -10.91 13.36 -4.58
CA GLU A 856 -10.07 12.58 -3.67
C GLU A 856 -10.87 11.48 -2.99
N GLU A 857 -12.05 11.81 -2.47
CA GLU A 857 -12.88 10.80 -1.82
C GLU A 857 -13.33 9.74 -2.81
N LYS A 858 -13.71 10.15 -4.02
CA LYS A 858 -14.12 9.19 -5.04
C LYS A 858 -12.97 8.24 -5.36
N ARG A 859 -11.76 8.75 -5.50
CA ARG A 859 -10.62 7.90 -5.82
C ARG A 859 -10.29 6.96 -4.65
N LEU A 860 -10.39 7.46 -3.42
CA LEU A 860 -10.16 6.59 -2.27
C LEU A 860 -11.18 5.44 -2.25
N ASN A 861 -12.45 5.76 -2.47
CA ASN A 861 -13.46 4.72 -2.54
C ASN A 861 -13.20 3.78 -3.70
N LYS A 862 -12.74 4.34 -4.83
CA LYS A 862 -12.46 3.59 -6.08
C LYS A 862 -11.36 2.56 -5.80
N VAL A 863 -10.29 2.97 -5.11
CA VAL A 863 -9.17 2.07 -4.82
C VAL A 863 -9.58 1.02 -3.80
N LYS A 864 -10.35 1.41 -2.77
CA LYS A 864 -10.80 0.42 -1.82
C LYS A 864 -11.69 -0.61 -2.50
N SER A 865 -12.57 -0.17 -3.41
CA SER A 865 -13.42 -1.10 -4.12
C SER A 865 -12.62 -2.03 -5.02
N LYS A 866 -11.57 -1.52 -5.66
CA LYS A 866 -10.74 -2.36 -6.51
C LYS A 866 -10.03 -3.43 -5.69
N LYS A 867 -9.41 -3.02 -4.58
CA LYS A 867 -8.80 -4.00 -3.70
C LYS A 867 -9.82 -5.05 -3.29
N GLU A 868 -11.01 -4.60 -2.85
CA GLU A 868 -12.03 -5.53 -2.40
C GLU A 868 -12.41 -6.51 -3.50
N VAL A 869 -12.66 -6.02 -4.71
CA VAL A 869 -13.21 -6.86 -5.77
C VAL A 869 -12.15 -7.84 -6.26
N ILE A 870 -10.90 -7.40 -6.42
CA ILE A 870 -9.85 -8.32 -6.84
C ILE A 870 -9.63 -9.38 -5.77
N ALA A 871 -9.62 -8.99 -4.50
CA ALA A 871 -9.53 -9.96 -3.43
C ALA A 871 -10.68 -10.95 -3.50
N ASN A 872 -11.88 -10.46 -3.77
CA ASN A 872 -13.05 -11.33 -3.85
C ASN A 872 -12.88 -12.35 -4.97
N LYS A 873 -12.46 -11.90 -6.15
CA LYS A 873 -12.33 -12.85 -7.26
C LYS A 873 -11.27 -13.90 -6.96
N ILE A 874 -10.10 -13.48 -6.46
CA ILE A 874 -9.03 -14.45 -6.23
C ILE A 874 -9.42 -15.41 -5.11
N VAL A 875 -10.02 -14.90 -4.04
CA VAL A 875 -10.39 -15.76 -2.92
C VAL A 875 -11.53 -16.70 -3.32
N ALA A 876 -12.46 -16.24 -4.16
CA ALA A 876 -13.51 -17.13 -4.65
C ALA A 876 -12.92 -18.23 -5.51
N LYS A 877 -11.96 -17.91 -6.36
CA LYS A 877 -11.30 -18.96 -7.15
C LYS A 877 -10.59 -19.94 -6.22
N ALA A 878 -9.95 -19.43 -5.17
CA ALA A 878 -9.31 -20.31 -4.20
C ALA A 878 -10.32 -21.22 -3.54
N LEU A 879 -11.49 -20.69 -3.18
CA LEU A 879 -12.54 -21.52 -2.59
C LEU A 879 -13.01 -22.59 -3.57
N GLU A 880 -13.16 -22.23 -4.84
CA GLU A 880 -13.56 -23.22 -5.83
C GLU A 880 -12.54 -24.35 -5.91
N LEU A 881 -11.26 -24.00 -5.98
CA LEU A 881 -10.23 -25.02 -6.04
C LEU A 881 -10.21 -25.86 -4.77
N ARG A 882 -10.45 -25.23 -3.61
CA ARG A 882 -10.53 -25.98 -2.37
C ARG A 882 -11.67 -26.98 -2.40
N ASP A 883 -12.82 -26.56 -2.92
CA ASP A 883 -13.95 -27.47 -3.04
C ASP A 883 -13.60 -28.63 -3.97
N LYS A 884 -12.88 -28.35 -5.05
CA LYS A 884 -12.52 -29.41 -5.99
C LYS A 884 -11.42 -30.29 -5.42
N TYR A 885 -10.27 -29.72 -5.09
CA TYR A 885 -9.09 -30.48 -4.72
C TYR A 885 -8.83 -30.52 -3.22
N GLY A 886 -8.64 -29.36 -2.60
CA GLY A 886 -8.33 -29.30 -1.19
C GLY A 886 -7.68 -28.00 -0.76
N PRO A 887 -7.16 -27.95 0.47
CA PRO A 887 -6.60 -26.70 0.99
C PRO A 887 -5.66 -26.02 0.01
N VAL A 888 -5.95 -24.76 -0.31
CA VAL A 888 -5.24 -24.04 -1.35
C VAL A 888 -4.19 -23.14 -0.73
N LEU A 889 -3.19 -22.76 -1.53
CA LEU A 889 -2.15 -21.83 -1.15
C LEU A 889 -2.04 -20.78 -2.24
N ILE A 890 -2.05 -19.51 -1.86
CA ILE A 890 -2.11 -18.44 -2.85
C ILE A 890 -0.72 -18.01 -3.31
N LYS A 891 0.21 -17.79 -2.40
CA LYS A 891 1.57 -17.42 -2.77
C LYS A 891 1.59 -16.16 -3.64
N GLY A 892 1.13 -15.04 -3.09
CA GLY A 892 1.16 -13.77 -3.79
C GLY A 892 2.53 -13.12 -3.67
N GLU A 893 2.82 -12.21 -4.59
CA GLU A 893 4.13 -11.59 -4.65
C GLU A 893 4.39 -10.72 -3.43
N ASN A 894 5.68 -10.61 -3.06
CA ASN A 894 6.11 -9.68 -2.01
C ASN A 894 6.71 -8.45 -2.68
N ILE A 895 5.82 -7.54 -3.08
CA ILE A 895 6.24 -6.30 -3.74
C ILE A 895 6.71 -5.36 -2.62
N SER A 896 8.01 -5.33 -2.39
CA SER A 896 8.61 -4.53 -1.35
C SER A 896 9.73 -3.66 -1.93
N ASP A 897 10.01 -2.55 -1.24
CA ASP A 897 11.04 -1.61 -1.66
C ASP A 897 10.76 -1.09 -3.07
N THR A 898 9.49 -0.82 -3.36
CA THR A 898 9.11 -0.22 -4.62
C THR A 898 9.09 1.31 -4.48
N THR A 899 9.06 1.99 -5.62
CA THR A 899 9.07 3.45 -5.66
C THR A 899 10.33 4.00 -4.98
N LYS A 900 11.48 3.71 -5.59
CA LYS A 900 12.76 4.21 -5.11
C LYS A 900 13.13 5.50 -5.83
N LYS A 901 13.96 6.29 -5.17
CA LYS A 901 14.45 7.52 -5.79
C LYS A 901 15.25 7.23 -7.04
N GLY A 902 15.94 6.08 -7.07
CA GLY A 902 16.71 5.72 -8.25
C GLY A 902 15.85 5.66 -9.50
N LYS A 903 14.64 5.10 -9.39
CA LYS A 903 13.74 5.05 -10.52
C LYS A 903 13.30 6.46 -10.90
N LYS A 904 12.88 6.61 -12.15
CA LYS A 904 12.40 7.90 -12.63
C LYS A 904 11.09 8.26 -11.96
N SER A 905 10.77 9.56 -11.99
CA SER A 905 9.54 10.02 -11.36
C SER A 905 8.31 9.36 -11.98
N SER A 906 8.31 9.23 -13.31
CA SER A 906 7.20 8.55 -13.97
C SER A 906 7.07 7.11 -13.49
N THR A 907 8.21 6.42 -13.34
CA THR A 907 8.18 5.05 -12.86
C THR A 907 7.63 4.98 -11.43
N ASN A 908 8.03 5.91 -10.58
CA ASN A 908 7.52 5.91 -9.21
C ASN A 908 6.01 6.15 -9.19
N SER A 909 5.53 7.10 -9.98
CA SER A 909 4.10 7.33 -10.05
C SER A 909 3.36 6.11 -10.56
N PHE A 910 3.92 5.46 -11.59
CA PHE A 910 3.29 4.27 -12.16
C PHE A 910 3.21 3.15 -11.11
N LEU A 911 4.27 2.98 -10.33
CA LEU A 911 4.29 1.93 -9.30
C LEU A 911 3.41 2.28 -8.11
N MET A 912 3.18 3.57 -7.84
CA MET A 912 2.34 3.92 -6.71
C MET A 912 0.95 3.34 -6.83
N ASP A 913 0.36 3.41 -8.04
CA ASP A 913 -0.96 2.83 -8.29
C ASP A 913 -0.92 1.35 -8.50
N TRP A 914 0.21 0.69 -8.22
CA TRP A 914 0.27 -0.76 -8.36
C TRP A 914 -0.72 -1.44 -7.43
N LEU A 915 -0.81 -0.98 -6.18
CA LEU A 915 -1.75 -1.52 -5.21
C LEU A 915 -1.53 -3.02 -5.03
N ALA A 916 -0.29 -3.44 -5.25
CA ALA A 916 0.02 -4.86 -5.10
C ALA A 916 0.04 -5.27 -3.64
N ARG A 917 0.68 -4.48 -2.79
CA ARG A 917 0.71 -4.80 -1.37
C ARG A 917 -0.66 -4.59 -0.73
N GLY A 918 -1.42 -3.61 -1.20
CA GLY A 918 -2.78 -3.47 -0.70
C GLY A 918 -3.61 -4.70 -1.00
N VAL A 919 -3.53 -5.18 -2.24
CA VAL A 919 -4.27 -6.39 -2.61
C VAL A 919 -3.77 -7.57 -1.79
N ALA A 920 -2.45 -7.66 -1.57
CA ALA A 920 -1.92 -8.77 -0.78
C ALA A 920 -2.45 -8.73 0.64
N ASN A 921 -2.47 -7.55 1.26
CA ASN A 921 -3.01 -7.45 2.61
C ASN A 921 -4.49 -7.80 2.63
N LYS A 922 -5.25 -7.31 1.65
CA LYS A 922 -6.68 -7.59 1.63
C LYS A 922 -6.94 -9.08 1.48
N VAL A 923 -6.23 -9.74 0.57
CA VAL A 923 -6.44 -11.17 0.37
C VAL A 923 -5.96 -11.95 1.58
N LYS A 924 -4.91 -11.47 2.25
CA LYS A 924 -4.47 -12.12 3.48
C LYS A 924 -5.55 -12.04 4.54
N GLU A 925 -6.17 -10.86 4.70
CA GLU A 925 -7.24 -10.71 5.66
C GLU A 925 -8.41 -11.62 5.32
N MET A 926 -8.78 -11.68 4.03
CA MET A 926 -9.88 -12.55 3.63
C MET A 926 -9.54 -14.01 3.90
N VAL A 927 -8.31 -14.43 3.58
CA VAL A 927 -7.90 -15.80 3.81
C VAL A 927 -7.89 -16.12 5.29
N MET A 928 -7.69 -15.13 6.13
CA MET A 928 -7.83 -15.36 7.57
C MET A 928 -9.24 -15.77 7.95
N MET A 929 -10.22 -15.56 7.07
CA MET A 929 -11.62 -15.86 7.38
C MET A 929 -12.10 -17.19 6.82
N HIS A 930 -11.42 -17.75 5.82
CA HIS A 930 -11.82 -19.01 5.20
C HIS A 930 -10.92 -20.13 5.68
N GLN A 931 -11.53 -21.24 6.08
CA GLN A 931 -10.77 -22.39 6.55
C GLN A 931 -10.14 -23.13 5.38
N GLY A 932 -8.85 -23.43 5.49
CA GLY A 932 -8.15 -24.17 4.47
C GLY A 932 -7.17 -23.30 3.69
N LEU A 933 -7.58 -22.08 3.36
CA LEU A 933 -6.73 -21.18 2.61
C LEU A 933 -5.59 -20.66 3.47
N GLU A 934 -4.51 -20.25 2.81
CA GLU A 934 -3.43 -19.53 3.47
C GLU A 934 -2.70 -18.71 2.42
N PHE A 935 -2.15 -17.58 2.84
CA PHE A 935 -1.50 -16.63 1.94
C PHE A 935 -0.07 -16.43 2.43
N VAL A 936 0.89 -16.72 1.56
CA VAL A 936 2.31 -16.50 1.84
C VAL A 936 2.87 -15.59 0.75
N GLU A 937 3.96 -14.91 1.09
CA GLU A 937 4.63 -13.98 0.20
C GLU A 937 6.01 -14.52 -0.12
N VAL A 938 6.38 -14.53 -1.40
CA VAL A 938 7.65 -15.05 -1.84
C VAL A 938 8.40 -13.97 -2.61
N ASN A 939 9.70 -14.17 -2.75
CA ASN A 939 10.55 -13.19 -3.40
C ASN A 939 10.19 -13.10 -4.88
N PRO A 940 9.90 -11.91 -5.42
CA PRO A 940 9.50 -11.81 -6.83
C PRO A 940 10.69 -11.78 -7.78
N ASN A 941 11.87 -12.15 -7.29
CA ASN A 941 13.10 -12.07 -8.08
C ASN A 941 13.02 -13.04 -9.25
N PHE A 942 13.19 -12.53 -10.47
CA PHE A 942 13.26 -13.32 -11.69
C PHE A 942 12.00 -14.13 -11.96
N THR A 943 10.92 -13.88 -11.22
CA THR A 943 9.68 -14.63 -11.42
C THR A 943 8.98 -14.31 -12.73
N SER A 944 9.42 -13.29 -13.45
CA SER A 944 8.76 -12.84 -14.66
C SER A 944 9.33 -13.43 -15.93
N HIS A 945 10.35 -14.29 -15.84
CA HIS A 945 10.98 -14.85 -17.03
C HIS A 945 11.14 -16.36 -16.97
N GLN A 946 11.20 -16.94 -15.78
CA GLN A 946 11.41 -18.38 -15.63
C GLN A 946 10.34 -19.16 -16.37
N ASP A 947 10.77 -20.17 -17.11
CA ASP A 947 9.83 -21.03 -17.82
C ASP A 947 9.19 -22.00 -16.84
N PRO A 948 7.85 -22.04 -16.72
CA PRO A 948 7.24 -22.89 -15.69
C PRO A 948 7.58 -24.35 -15.89
N PHE A 949 7.81 -25.04 -14.76
CA PHE A 949 7.95 -26.49 -14.65
C PHE A 949 9.21 -27.04 -15.30
N VAL A 950 10.05 -26.21 -15.93
CA VAL A 950 11.32 -26.66 -16.48
C VAL A 950 12.50 -25.92 -15.88
N HIS A 951 12.33 -24.68 -15.44
CA HIS A 951 13.39 -23.92 -14.83
C HIS A 951 13.78 -24.54 -13.49
N LYS A 952 15.08 -24.54 -13.21
CA LYS A 952 15.68 -24.95 -11.94
C LYS A 952 15.80 -26.47 -11.81
N ASN A 953 15.06 -27.27 -12.58
CA ASN A 953 15.15 -28.71 -12.37
C ASN A 953 16.49 -29.22 -12.91
N PRO A 954 16.82 -29.04 -14.20
CA PRO A 954 18.20 -29.23 -14.62
C PRO A 954 19.06 -28.05 -14.19
N GLU A 955 18.49 -26.86 -14.36
CA GLU A 955 19.15 -25.59 -14.14
C GLU A 955 18.18 -24.49 -14.56
N ASN A 956 18.58 -23.26 -14.33
CA ASN A 956 17.73 -22.13 -14.70
C ASN A 956 17.67 -21.97 -16.21
N THR A 957 16.47 -21.71 -16.73
CA THR A 957 16.31 -21.49 -18.18
C THR A 957 16.44 -20.02 -18.53
N PHE A 958 15.55 -19.18 -18.00
CA PHE A 958 15.55 -17.74 -18.26
C PHE A 958 15.46 -17.46 -19.77
N ARG A 959 14.38 -17.93 -20.37
CA ARG A 959 14.10 -17.64 -21.76
C ARG A 959 13.50 -16.25 -21.89
N ALA A 960 13.52 -15.70 -23.10
CA ALA A 960 13.05 -14.35 -23.37
C ALA A 960 11.61 -14.38 -23.87
N ARG A 961 10.98 -13.19 -23.82
CA ARG A 961 9.56 -12.92 -24.18
C ARG A 961 9.46 -12.44 -25.65
N TYR A 962 8.35 -12.76 -26.32
CA TYR A 962 8.12 -12.48 -27.73
C TYR A 962 6.80 -11.73 -27.89
N SER A 963 6.33 -11.61 -29.13
CA SER A 963 5.03 -11.02 -29.40
C SER A 963 4.55 -11.53 -30.76
N ARG A 964 3.67 -12.52 -30.76
CA ARG A 964 3.17 -13.07 -32.00
C ARG A 964 2.31 -12.03 -32.73
N CYS A 965 2.50 -11.93 -34.04
CA CYS A 965 1.75 -10.97 -34.83
C CYS A 965 1.80 -11.39 -36.29
N THR A 966 0.85 -10.87 -37.06
CA THR A 966 0.83 -11.15 -38.49
C THR A 966 1.74 -10.18 -39.24
N PRO A 967 2.17 -10.53 -40.44
CA PRO A 967 3.02 -9.61 -41.21
C PRO A 967 2.36 -8.27 -41.49
N SER A 968 1.03 -8.25 -41.68
CA SER A 968 0.35 -7.01 -42.06
C SER A 968 0.37 -5.98 -40.93
N GLU A 969 0.40 -6.42 -39.68
CA GLU A 969 0.39 -5.52 -38.53
C GLU A 969 1.80 -5.17 -38.05
N LEU A 970 2.84 -5.64 -38.74
CA LEU A 970 4.20 -5.28 -38.37
C LEU A 970 4.41 -3.78 -38.54
N THR A 971 5.05 -3.18 -37.54
CA THR A 971 5.29 -1.74 -37.51
C THR A 971 6.79 -1.46 -37.57
N GLU A 972 7.12 -0.20 -37.89
CA GLU A 972 8.52 0.20 -37.94
C GLU A 972 9.18 0.10 -36.56
N LYS A 973 8.44 0.42 -35.51
CA LYS A 973 8.99 0.31 -34.16
C LYS A 973 9.39 -1.13 -33.85
N ASN A 974 8.56 -2.09 -34.25
CA ASN A 974 8.89 -3.49 -34.02
C ASN A 974 10.18 -3.87 -34.73
N ARG A 975 10.32 -3.47 -36.00
CA ARG A 975 11.54 -3.79 -36.74
C ARG A 975 12.76 -3.14 -36.11
N LYS A 976 12.64 -1.88 -35.70
CA LYS A 976 13.77 -1.20 -35.07
C LYS A 976 14.16 -1.89 -33.77
N GLU A 977 13.18 -2.26 -32.95
CA GLU A 977 13.49 -2.94 -31.70
C GLU A 977 14.16 -4.29 -31.96
N ILE A 978 13.66 -5.03 -32.95
CA ILE A 978 14.24 -6.33 -33.27
C ILE A 978 15.68 -6.16 -33.73
N LEU A 979 15.93 -5.20 -34.62
CA LEU A 979 17.30 -4.96 -35.08
C LEU A 979 18.20 -4.56 -33.93
N SER A 980 17.71 -3.72 -33.02
CA SER A 980 18.50 -3.32 -31.86
C SER A 980 18.85 -4.54 -31.00
N PHE A 981 17.88 -5.43 -30.78
CA PHE A 981 18.16 -6.65 -30.03
C PHE A 981 19.19 -7.51 -30.75
N LEU A 982 19.11 -7.57 -32.09
CA LEU A 982 20.06 -8.36 -32.85
C LEU A 982 21.49 -7.85 -32.68
N SER A 983 21.65 -6.55 -32.41
CA SER A 983 22.98 -5.98 -32.24
C SER A 983 23.70 -6.67 -31.08
N ASP A 984 24.80 -7.35 -31.39
CA ASP A 984 25.60 -8.05 -30.40
C ASP A 984 26.42 -7.01 -29.63
N LYS A 985 25.79 -6.45 -28.60
CA LYS A 985 26.40 -5.43 -27.75
C LYS A 985 26.42 -5.93 -26.31
N PRO A 986 27.54 -5.71 -25.63
CA PRO A 986 27.67 -6.16 -24.25
C PRO A 986 26.77 -5.33 -23.35
N SER A 987 25.99 -6.00 -22.51
CA SER A 987 25.10 -5.35 -21.55
C SER A 987 25.19 -6.07 -20.21
N LYS A 988 25.07 -5.29 -19.14
CA LYS A 988 25.16 -5.84 -17.79
C LYS A 988 23.85 -6.44 -17.30
N ARG A 989 22.73 -6.17 -17.97
CA ARG A 989 21.45 -6.69 -17.53
C ARG A 989 21.28 -8.13 -17.99
N PRO A 990 20.98 -9.07 -17.08
CA PRO A 990 20.73 -10.45 -17.54
C PRO A 990 19.61 -10.55 -18.56
N THR A 991 18.63 -9.65 -18.48
CA THR A 991 17.54 -9.65 -19.46
C THR A 991 18.05 -9.39 -20.88
N ASN A 992 19.05 -8.52 -21.04
CA ASN A 992 19.62 -8.31 -22.36
C ASN A 992 20.24 -9.60 -22.90
N ALA A 993 20.95 -10.34 -22.05
CA ALA A 993 21.52 -11.62 -22.48
C ALA A 993 20.43 -12.61 -22.84
N TYR A 994 19.37 -12.67 -22.05
CA TYR A 994 18.27 -13.59 -22.34
C TYR A 994 17.65 -13.26 -23.70
N TYR A 995 17.40 -11.98 -23.96
CA TYR A 995 16.82 -11.58 -25.23
C TYR A 995 17.78 -11.81 -26.39
N ASN A 996 19.08 -11.63 -26.16
CA ASN A 996 20.06 -11.89 -27.21
C ASN A 996 20.05 -13.37 -27.58
N GLU A 997 20.04 -14.26 -26.59
CA GLU A 997 20.01 -15.68 -26.89
C GLU A 997 18.69 -16.08 -27.53
N GLY A 998 17.58 -15.48 -27.11
CA GLY A 998 16.31 -15.74 -27.76
C GLY A 998 16.33 -15.31 -29.22
N ALA A 999 16.91 -14.15 -29.51
CA ALA A 999 17.02 -13.70 -30.90
C ALA A 999 17.91 -14.62 -31.71
N MET A 1000 19.01 -15.09 -31.12
CA MET A 1000 19.86 -16.04 -31.80
C MET A 1000 19.10 -17.32 -32.13
N ALA A 1001 18.31 -17.82 -31.19
CA ALA A 1001 17.49 -18.99 -31.46
C ALA A 1001 16.47 -18.73 -32.56
N PHE A 1002 15.85 -17.54 -32.55
CA PHE A 1002 14.91 -17.19 -33.61
C PHE A 1002 15.59 -17.18 -34.97
N LEU A 1003 16.79 -16.59 -35.05
CA LEU A 1003 17.53 -16.60 -36.31
C LEU A 1003 17.84 -18.01 -36.75
N ALA A 1004 18.30 -18.86 -35.82
CA ALA A 1004 18.64 -20.22 -36.19
C ALA A 1004 17.41 -21.00 -36.64
N THR A 1005 16.24 -20.67 -36.09
CA THR A 1005 15.02 -21.38 -36.47
C THR A 1005 14.71 -21.21 -37.95
N TYR A 1006 14.83 -19.99 -38.48
CA TYR A 1006 14.51 -19.70 -39.87
C TYR A 1006 15.72 -19.30 -40.69
N GLY A 1007 16.87 -19.07 -40.07
CA GLY A 1007 18.05 -18.68 -40.80
C GLY A 1007 17.88 -17.35 -41.52
N LEU A 1008 17.76 -16.26 -40.77
CA LEU A 1008 17.54 -14.95 -41.35
C LEU A 1008 18.82 -14.26 -41.81
N LYS A 1009 19.99 -14.81 -41.49
CA LYS A 1009 21.27 -14.21 -41.88
C LYS A 1009 21.38 -12.79 -41.34
N LYS A 1010 21.40 -12.71 -40.01
CA LYS A 1010 21.39 -11.45 -39.27
C LYS A 1010 22.15 -10.35 -39.99
N ASN A 1011 23.33 -10.67 -40.53
CA ASN A 1011 24.08 -9.69 -41.30
C ASN A 1011 23.26 -9.22 -42.50
N ASP A 1012 22.57 -10.13 -43.17
CA ASP A 1012 21.71 -9.80 -44.29
C ASP A 1012 20.29 -9.45 -43.88
N VAL A 1013 19.93 -9.60 -42.61
CA VAL A 1013 18.59 -9.29 -42.16
C VAL A 1013 18.44 -7.86 -41.68
N LEU A 1014 19.52 -7.19 -41.31
CA LEU A 1014 19.48 -5.83 -40.80
C LEU A 1014 19.45 -4.78 -41.91
N GLY A 1015 19.06 -5.17 -43.13
CA GLY A 1015 19.03 -4.23 -44.24
C GLY A 1015 17.76 -3.37 -44.18
N VAL A 1016 17.68 -2.44 -45.13
CA VAL A 1016 16.51 -1.58 -45.27
C VAL A 1016 15.41 -2.33 -46.01
N SER A 1017 14.43 -1.60 -46.54
CA SER A 1017 13.31 -2.19 -47.27
C SER A 1017 12.51 -3.13 -46.36
N LEU A 1018 11.91 -2.52 -45.34
CA LEU A 1018 11.07 -3.28 -44.41
C LEU A 1018 9.98 -4.05 -45.14
N GLU A 1019 9.53 -3.54 -46.29
CA GLU A 1019 8.58 -4.31 -47.09
C GLU A 1019 9.18 -5.63 -47.55
N LYS A 1020 10.46 -5.61 -47.93
CA LYS A 1020 11.13 -6.85 -48.29
C LYS A 1020 11.21 -7.82 -47.11
N PHE A 1021 11.50 -7.31 -45.91
CA PHE A 1021 11.52 -8.16 -44.73
C PHE A 1021 10.14 -8.75 -44.45
N LYS A 1022 9.09 -7.95 -44.61
CA LYS A 1022 7.74 -8.45 -44.43
C LYS A 1022 7.41 -9.55 -45.44
N GLN A 1023 7.84 -9.34 -46.70
CA GLN A 1023 7.60 -10.36 -47.72
C GLN A 1023 8.35 -11.65 -47.39
N ILE A 1024 9.60 -11.53 -46.91
CA ILE A 1024 10.35 -12.71 -46.52
C ILE A 1024 9.68 -13.44 -45.37
N MET A 1025 9.19 -12.69 -44.37
CA MET A 1025 8.49 -13.32 -43.26
C MET A 1025 7.22 -14.00 -43.74
N ALA A 1026 6.50 -13.38 -44.67
CA ALA A 1026 5.31 -14.01 -45.23
C ALA A 1026 5.65 -15.30 -45.96
N ASN A 1027 6.75 -15.29 -46.72
CA ASN A 1027 7.19 -16.51 -47.39
C ASN A 1027 7.53 -17.61 -46.39
N ILE A 1028 8.22 -17.24 -45.31
CA ILE A 1028 8.55 -18.22 -44.29
C ILE A 1028 7.30 -18.80 -43.64
N LEU A 1029 6.33 -17.94 -43.33
CA LEU A 1029 5.07 -18.38 -42.74
C LEU A 1029 4.21 -19.15 -43.74
N HIS A 1030 4.49 -19.02 -45.04
CA HIS A 1030 3.80 -19.83 -46.03
C HIS A 1030 4.44 -21.20 -46.14
N GLN A 1031 5.78 -21.28 -46.09
CA GLN A 1031 6.45 -22.57 -46.12
C GLN A 1031 6.04 -23.41 -44.92
N ARG A 1032 6.05 -22.82 -43.73
CA ARG A 1032 5.59 -23.48 -42.51
C ARG A 1032 4.15 -23.04 -42.29
N SER A 1033 3.23 -24.01 -42.29
CA SER A 1033 1.81 -23.73 -42.29
C SER A 1033 1.39 -23.21 -40.91
N GLU A 1034 1.59 -21.91 -40.71
CA GLU A 1034 1.20 -21.23 -39.48
C GLU A 1034 0.36 -20.00 -39.80
N ASP A 1035 0.00 -19.23 -38.78
CA ASP A 1035 -0.81 -18.03 -38.94
C ASP A 1035 -0.06 -16.74 -38.70
N GLN A 1036 0.80 -16.70 -37.67
CA GLN A 1036 1.54 -15.50 -37.31
C GLN A 1036 2.99 -15.85 -37.05
N LEU A 1037 3.81 -14.81 -36.87
CA LEU A 1037 5.23 -14.95 -36.59
C LEU A 1037 5.54 -14.32 -35.24
N LEU A 1038 6.48 -14.92 -34.51
CA LEU A 1038 6.88 -14.40 -33.22
C LEU A 1038 8.18 -13.62 -33.35
N PHE A 1039 8.36 -12.62 -32.49
CA PHE A 1039 9.58 -11.84 -32.48
C PHE A 1039 9.84 -11.36 -31.05
N PRO A 1040 11.08 -11.37 -30.58
CA PRO A 1040 11.35 -10.94 -29.21
C PRO A 1040 10.87 -9.51 -28.95
N SER A 1041 10.36 -9.29 -27.74
CA SER A 1041 9.91 -7.98 -27.30
C SER A 1041 10.12 -7.86 -25.81
N ARG A 1042 10.70 -6.74 -25.37
CA ARG A 1042 10.93 -6.55 -23.94
C ARG A 1042 9.62 -6.42 -23.18
N GLY A 1043 8.63 -5.76 -23.78
CA GLY A 1043 7.32 -5.61 -23.14
C GLY A 1043 6.24 -6.37 -23.88
N GLY A 1044 6.55 -7.60 -24.31
CA GLY A 1044 5.61 -8.40 -25.05
C GLY A 1044 5.06 -9.56 -24.24
N MET A 1045 3.85 -9.97 -24.60
CA MET A 1045 3.22 -11.15 -24.01
C MET A 1045 3.56 -12.36 -24.89
N PHE A 1046 2.90 -13.50 -24.65
CA PHE A 1046 3.18 -14.74 -25.37
C PHE A 1046 4.60 -15.23 -25.09
N TYR A 1047 4.84 -15.51 -23.81
CA TYR A 1047 6.05 -16.21 -23.42
C TYR A 1047 6.00 -17.65 -23.90
N LEU A 1048 7.16 -18.18 -24.30
CA LEU A 1048 7.25 -19.52 -24.85
C LEU A 1048 7.34 -20.52 -23.70
N ALA A 1049 6.31 -21.32 -23.53
CA ALA A 1049 6.25 -22.33 -22.48
C ALA A 1049 6.21 -23.73 -23.10
N THR A 1050 6.89 -24.66 -22.44
CA THR A 1050 6.98 -26.02 -22.94
C THR A 1050 5.66 -26.77 -22.88
N TYR A 1051 4.78 -26.42 -21.94
CA TYR A 1051 3.52 -27.12 -21.74
C TYR A 1051 2.36 -26.23 -22.16
N LYS A 1052 1.20 -26.85 -22.32
CA LYS A 1052 -0.03 -26.13 -22.62
C LYS A 1052 -0.60 -25.59 -21.32
N LEU A 1053 -0.09 -24.43 -20.90
CA LEU A 1053 -0.46 -23.83 -19.63
C LEU A 1053 -1.57 -22.79 -19.76
N ASP A 1054 -2.14 -22.62 -20.95
CA ASP A 1054 -3.17 -21.62 -21.18
C ASP A 1054 -4.55 -22.21 -21.42
N ALA A 1055 -4.63 -23.39 -22.03
CA ALA A 1055 -5.88 -23.97 -22.51
C ALA A 1055 -6.28 -23.30 -23.83
N ASP A 1056 -5.60 -22.21 -24.18
CA ASP A 1056 -5.73 -21.57 -25.47
C ASP A 1056 -4.38 -21.42 -26.16
N ALA A 1057 -3.34 -22.03 -25.58
CA ALA A 1057 -2.01 -21.94 -26.15
C ALA A 1057 -1.95 -22.69 -27.47
N THR A 1058 -1.07 -22.22 -28.36
CA THR A 1058 -0.96 -22.80 -29.71
C THR A 1058 0.31 -23.63 -29.78
N SER A 1059 0.18 -24.90 -30.13
CA SER A 1059 1.36 -25.74 -30.31
C SER A 1059 2.09 -25.35 -31.58
N VAL A 1060 3.36 -24.97 -31.44
CA VAL A 1060 4.21 -24.63 -32.57
C VAL A 1060 5.57 -25.27 -32.36
N ASN A 1061 6.11 -25.82 -33.44
CA ASN A 1061 7.46 -26.36 -33.43
C ASN A 1061 8.42 -25.22 -33.75
N TRP A 1062 9.27 -24.88 -32.79
CA TRP A 1062 10.19 -23.77 -32.97
C TRP A 1062 11.45 -24.31 -33.64
N ASN A 1063 12.12 -25.30 -33.05
CA ASN A 1063 13.39 -25.88 -33.57
C ASN A 1063 13.26 -27.41 -33.62
N GLY A 1064 13.12 -28.13 -32.46
CA GLY A 1064 12.92 -29.56 -32.28
C GLY A 1064 12.21 -29.82 -30.97
N LYS A 1065 11.67 -28.74 -30.38
CA LYS A 1065 11.11 -28.78 -29.04
C LYS A 1065 9.58 -28.84 -29.00
N GLN A 1066 8.89 -28.36 -30.04
CA GLN A 1066 7.42 -28.36 -30.05
C GLN A 1066 6.87 -27.61 -28.84
N PHE A 1067 7.19 -26.32 -28.78
CA PHE A 1067 6.73 -25.48 -27.69
C PHE A 1067 5.24 -25.19 -27.82
N TRP A 1068 4.68 -24.67 -26.73
CA TRP A 1068 3.33 -24.13 -26.70
C TRP A 1068 3.40 -22.63 -26.47
N VAL A 1069 2.82 -21.86 -27.39
CA VAL A 1069 2.70 -20.41 -27.22
C VAL A 1069 1.56 -20.20 -26.24
N CYS A 1070 1.93 -19.95 -24.99
CA CYS A 1070 1.00 -19.55 -23.93
C CYS A 1070 0.98 -18.03 -23.87
N ASN A 1071 0.46 -17.48 -22.77
CA ASN A 1071 0.48 -16.04 -22.52
C ASN A 1071 1.47 -15.75 -21.40
N ALA A 1072 2.21 -14.66 -21.53
CA ALA A 1072 3.27 -14.34 -20.56
C ALA A 1072 2.71 -14.24 -19.15
N ASP A 1073 1.53 -13.65 -19.00
CA ASP A 1073 0.95 -13.45 -17.67
C ASP A 1073 0.68 -14.78 -16.97
N LEU A 1074 0.11 -15.75 -17.70
CA LEU A 1074 -0.20 -17.04 -17.09
C LEU A 1074 1.07 -17.77 -16.63
N VAL A 1075 2.11 -17.76 -17.47
CA VAL A 1075 3.35 -18.41 -17.09
C VAL A 1075 3.99 -17.67 -15.92
N ALA A 1076 3.85 -16.34 -15.88
CA ALA A 1076 4.35 -15.59 -14.74
C ALA A 1076 3.63 -16.01 -13.46
N ALA A 1077 2.31 -16.16 -13.54
CA ALA A 1077 1.56 -16.63 -12.38
C ALA A 1077 2.05 -18.00 -11.94
N TYR A 1078 2.26 -18.90 -12.90
CA TYR A 1078 2.77 -20.23 -12.56
C TYR A 1078 4.13 -20.12 -11.87
N ASN A 1079 5.01 -19.26 -12.39
CA ASN A 1079 6.33 -19.09 -11.78
C ASN A 1079 6.21 -18.59 -10.36
N VAL A 1080 5.30 -17.64 -10.12
CA VAL A 1080 5.10 -17.15 -8.75
C VAL A 1080 4.70 -18.29 -7.83
N GLY A 1081 4.10 -19.34 -8.37
CA GLY A 1081 3.81 -20.52 -7.59
C GLY A 1081 5.00 -21.46 -7.50
N LEU A 1082 4.91 -22.37 -6.53
CA LEU A 1082 5.91 -23.41 -6.30
C LEU A 1082 7.33 -22.86 -6.23
N VAL A 1083 7.50 -21.58 -5.91
CA VAL A 1083 8.83 -21.02 -5.81
C VAL A 1083 9.62 -21.71 -4.71
N ASP A 1084 8.99 -21.95 -3.57
CA ASP A 1084 9.62 -22.64 -2.45
C ASP A 1084 8.72 -23.78 -2.00
N ILE A 1085 8.24 -24.57 -2.96
CA ILE A 1085 7.34 -25.67 -2.64
C ILE A 1085 8.00 -26.64 -1.67
N GLN A 1086 9.32 -26.81 -1.78
CA GLN A 1086 10.03 -27.70 -0.87
C GLN A 1086 9.86 -27.24 0.58
N LYS A 1087 9.93 -25.92 0.82
CA LYS A 1087 9.66 -25.42 2.16
C LYS A 1087 8.25 -25.79 2.61
N ASP A 1088 7.30 -25.74 1.68
CA ASP A 1088 5.91 -26.04 2.03
C ASP A 1088 5.75 -27.49 2.47
N PHE A 1089 6.46 -28.41 1.82
CA PHE A 1089 6.33 -29.85 2.08
C PHE A 1089 7.68 -30.38 2.56
N LYS A 1090 7.77 -30.69 3.84
CA LYS A 1090 8.94 -31.35 4.39
C LYS A 1090 8.74 -32.86 4.38
N LYS A 1091 9.85 -33.60 4.44
CA LYS A 1091 9.82 -35.06 4.37
C LYS A 1091 9.25 -35.71 5.63
N LYS A 1092 9.00 -34.98 6.71
CA LYS A 1092 8.43 -35.57 7.92
C LYS A 1092 7.13 -36.29 7.61
#